data_2XHB
#
_entry.id   2XHB
#
_cell.length_a   79.450
_cell.length_b   98.370
_cell.length_c   116.630
_cell.angle_alpha   90.00
_cell.angle_beta   90.00
_cell.angle_gamma   90.00
#
_symmetry.space_group_name_H-M   'P 21 21 21'
#
loop_
_entity.id
_entity.type
_entity.pdbx_description
1 polymer 'DNA POLYMERASE'
2 polymer 'HYPOXANTHINE-CONTAINING DNA'
3 polymer "5'-D(*AP*AP*AP*AP*AP*AP*AP*AP*A)-3'"
4 non-polymer 'SODIUM ION'
5 water water
#
loop_
_entity_poly.entity_id
_entity_poly.type
_entity_poly.pdbx_seq_one_letter_code
_entity_poly.pdbx_strand_id
1 'polypeptide(L)'
;MILDTDYITEDGKPVIRIFKKENGEFKIDYDRNFEPYIYALLKDDSAIEDVKKITAERHGTTVRVVRAEKVKKKFLGRPI
EVWKLYFTHPQDVPAIRDKIKEHPAVVDIYEYDIPFAKRYLIDKGLIPMEGDEELKMLAFDIETLYHEGEEFAEGPILMI
SYADEEGARVITWKNIDLPYVDVVSTEKEMIKRFLKVVKEKDPDVLITYNGDNFAFAYLKKRSEKLGVKFILGREGSEPK
IQRMGDRFAVEVKGRIHFDLYPVIRRTINLPTYTLEAVYEAIFGQPKEKVYAEEIAQAWETGEGLERVARYSMEDAKVTY
ELGKEFFPMEAQLSRLVGQSLWDVSRSSTGNLVEWFLLRKAYERNELAPNKPDERELARRRESYAGGYVKEPERGLWENI
VYLDFRSLYPSIIITHNVSPDTLNREGCEEYDVAPQVGHKFCKDFPGFIPSLLGDLLEERQKVKKKMKATIDPIEKKLLD
YRQRAIKILANSFYGYYGYAKARWYCKECAESVTAWGRQYIETTIREIEEKFGFKVLYADTDGFFATIPGADAETVKKKA
KEFLDYINAKLPGLLELEYEGFYKRGFFVTKKKYAVIDEEDKITTRGLEIVRRDWSEIAKETQARVLEAILKHGDVEEAV
RIVKEVTEKLSKYEVPPEKLVIYEQITRDLKDYKATGPHVAVAKRLAARGIKIRPGTVISYIVLKGSGRIGDRAIPFDEF
DPAKHKYDAEYYIENQVLPAVERILRAFGYRKEDLRYQKTRQVGLGAWLKPKT
;
A
2 'polydeoxyribonucleotide'
;(DA)(DA)(DI)(DG)(DG)(DA)(DG)(DA)(DC)(DA)(DC)(DG)(DG)(DC)(DT)(DT)(DT)(DT)(DG)(DC)
(DC)(DG)(DT)(DG)(DT)(DC)(DT)(DC)
;
D
3 'polydeoxyribonucleotide' (DA)(DA)(DA)(DA)(DA)(DA)(DA)(DA)(DA) E
#
loop_
_chem_comp.id
_chem_comp.type
_chem_comp.name
_chem_comp.formula
DA DNA linking 2'-DEOXYADENOSINE-5'-MONOPHOSPHATE 'C10 H14 N5 O6 P'
DC DNA linking 2'-DEOXYCYTIDINE-5'-MONOPHOSPHATE 'C9 H14 N3 O7 P'
DG DNA linking 2'-DEOXYGUANOSINE-5'-MONOPHOSPHATE 'C10 H14 N5 O7 P'
DI DNA linking 2'-DEOXYINOSINE-5'-MONOPHOSPHATE 'C10 H13 N4 O7 P'
DT DNA linking THYMIDINE-5'-MONOPHOSPHATE 'C10 H15 N2 O8 P'
NA non-polymer 'SODIUM ION' 'Na 1'
#
# COMPACT_ATOMS: atom_id res chain seq x y z
N MET A 1 -15.95 -6.18 20.87
CA MET A 1 -16.12 -5.65 19.49
C MET A 1 -16.02 -6.76 18.44
N ILE A 2 -16.51 -6.47 17.24
CA ILE A 2 -16.42 -7.39 16.11
C ILE A 2 -15.02 -7.29 15.49
N LEU A 3 -14.36 -8.44 15.36
CA LEU A 3 -12.98 -8.48 14.85
C LEU A 3 -12.90 -8.93 13.39
N ASP A 4 -13.73 -9.90 13.00
CA ASP A 4 -13.75 -10.39 11.62
C ASP A 4 -15.04 -11.16 11.34
N THR A 5 -15.39 -11.29 10.06
CA THR A 5 -16.43 -12.22 9.63
C THR A 5 -15.93 -13.17 8.52
N ASP A 6 -16.41 -14.42 8.59
CA ASP A 6 -16.26 -15.38 7.49
C ASP A 6 -17.53 -16.21 7.46
N TYR A 7 -17.54 -17.29 6.67
CA TYR A 7 -18.62 -18.28 6.73
C TYR A 7 -18.09 -19.71 6.59
N ILE A 8 -18.87 -20.67 7.09
CA ILE A 8 -18.61 -22.09 6.88
C ILE A 8 -19.86 -22.76 6.31
N THR A 9 -19.68 -23.90 5.64
CA THR A 9 -20.78 -24.61 4.98
C THR A 9 -21.17 -25.85 5.78
N GLU A 10 -22.42 -25.90 6.23
CA GLU A 10 -22.99 -27.09 6.88
C GLU A 10 -24.25 -27.56 6.16
N ASP A 11 -24.20 -28.78 5.63
CA ASP A 11 -25.29 -29.38 4.84
C ASP A 11 -25.66 -28.53 3.62
N GLY A 12 -24.63 -28.01 2.95
CA GLY A 12 -24.81 -27.14 1.78
C GLY A 12 -25.26 -25.71 2.06
N LYS A 13 -25.46 -25.35 3.33
CA LYS A 13 -25.96 -24.03 3.70
C LYS A 13 -24.87 -23.20 4.36
N PRO A 14 -24.75 -21.92 3.98
CA PRO A 14 -23.75 -21.05 4.56
C PRO A 14 -24.09 -20.63 5.98
N VAL A 15 -23.12 -20.73 6.89
CA VAL A 15 -23.27 -20.27 8.25
C VAL A 15 -22.28 -19.13 8.50
N ILE A 16 -22.78 -17.93 8.72
CA ILE A 16 -21.93 -16.78 9.03
C ILE A 16 -21.33 -16.92 10.44
N ARG A 17 -20.02 -16.75 10.55
CA ARG A 17 -19.35 -16.73 11.85
C ARG A 17 -18.90 -15.30 12.14
N ILE A 18 -19.32 -14.78 13.29
CA ILE A 18 -18.94 -13.44 13.71
C ILE A 18 -17.97 -13.53 14.89
N PHE A 19 -16.69 -13.32 14.61
CA PHE A 19 -15.64 -13.33 15.63
C PHE A 19 -15.73 -12.05 16.45
N LYS A 20 -15.77 -12.21 17.77
CA LYS A 20 -15.96 -11.07 18.68
C LYS A 20 -15.02 -11.08 19.86
N LYS A 21 -14.76 -9.90 20.40
CA LYS A 21 -14.10 -9.74 21.69
C LYS A 21 -15.00 -8.84 22.54
N GLU A 22 -15.84 -9.45 23.38
CA GLU A 22 -16.76 -8.71 24.26
C GLU A 22 -16.50 -9.04 25.72
N ASN A 23 -16.44 -8.01 26.56
CA ASN A 23 -16.19 -8.16 28.00
C ASN A 23 -14.93 -8.93 28.31
N GLY A 24 -13.89 -8.77 27.49
CA GLY A 24 -12.61 -9.45 27.72
C GLY A 24 -12.49 -10.84 27.12
N GLU A 25 -13.61 -11.46 26.77
CA GLU A 25 -13.59 -12.83 26.25
C GLU A 25 -13.77 -12.88 24.73
N PHE A 26 -13.10 -13.85 24.12
CA PHE A 26 -13.25 -14.11 22.69
C PHE A 26 -14.39 -15.10 22.46
N LYS A 27 -15.41 -14.70 21.70
CA LYS A 27 -16.50 -15.59 21.33
C LYS A 27 -16.86 -15.53 19.85
N ILE A 28 -17.28 -16.68 19.31
CA ILE A 28 -17.79 -16.79 17.96
C ILE A 28 -19.30 -16.93 17.99
N ASP A 29 -20.00 -15.89 17.52
CA ASP A 29 -21.45 -15.99 17.29
C ASP A 29 -21.70 -16.50 15.86
N TYR A 30 -22.91 -17.05 15.66
CA TYR A 30 -23.30 -17.66 14.39
C TYR A 30 -24.60 -17.05 13.89
N ASP A 31 -24.80 -17.08 12.57
CA ASP A 31 -26.06 -16.69 11.97
C ASP A 31 -26.34 -17.62 10.78
N ARG A 32 -27.53 -18.23 10.79
CA ARG A 32 -27.87 -19.33 9.88
C ARG A 32 -28.93 -18.99 8.83
N ASN A 33 -29.47 -17.78 8.85
CA ASN A 33 -30.52 -17.41 7.91
C ASN A 33 -30.24 -16.15 7.09
N PHE A 34 -28.97 -15.95 6.75
CA PHE A 34 -28.60 -14.89 5.82
C PHE A 34 -28.44 -15.49 4.43
N GLU A 35 -29.10 -14.87 3.45
CA GLU A 35 -29.16 -15.44 2.10
C GLU A 35 -28.36 -14.59 1.11
N PRO A 36 -27.52 -15.25 0.29
CA PRO A 36 -26.89 -14.52 -0.80
C PRO A 36 -27.91 -14.06 -1.85
N TYR A 37 -27.61 -12.94 -2.51
CA TYR A 37 -28.47 -12.42 -3.56
C TYR A 37 -27.71 -11.54 -4.53
N ILE A 38 -28.27 -11.37 -5.73
CA ILE A 38 -27.83 -10.34 -6.68
C ILE A 38 -29.06 -9.56 -7.16
N TYR A 39 -28.82 -8.56 -8.00
CA TYR A 39 -29.91 -7.79 -8.61
C TYR A 39 -29.87 -7.95 -10.11
N ALA A 40 -31.01 -7.71 -10.74
CA ALA A 40 -31.15 -7.89 -12.18
C ALA A 40 -32.17 -6.90 -12.71
N LEU A 41 -31.78 -6.19 -13.77
CA LEU A 41 -32.68 -5.31 -14.49
C LEU A 41 -33.27 -6.11 -15.65
N LEU A 42 -34.60 -6.18 -15.73
CA LEU A 42 -35.26 -6.91 -16.83
C LEU A 42 -35.96 -5.95 -17.81
N LYS A 43 -35.84 -6.25 -19.11
CA LYS A 43 -36.57 -5.54 -20.15
C LYS A 43 -38.09 -5.77 -20.03
N ASP A 44 -38.45 -6.97 -19.56
CA ASP A 44 -39.83 -7.42 -19.51
C ASP A 44 -40.03 -8.28 -18.26
N ASP A 45 -40.79 -7.73 -17.31
CA ASP A 45 -41.08 -8.40 -16.03
C ASP A 45 -41.77 -9.76 -16.19
N SER A 46 -42.44 -9.96 -17.32
CA SER A 46 -43.10 -11.23 -17.61
C SER A 46 -42.11 -12.42 -17.68
N ALA A 47 -40.85 -12.14 -17.99
CA ALA A 47 -39.82 -13.18 -18.15
C ALA A 47 -39.16 -13.64 -16.84
N ILE A 48 -39.61 -13.13 -15.69
CA ILE A 48 -38.96 -13.47 -14.43
C ILE A 48 -39.08 -14.95 -14.09
N GLU A 49 -40.16 -15.59 -14.53
CA GLU A 49 -40.38 -17.00 -14.27
C GLU A 49 -39.39 -17.87 -15.04
N ASP A 50 -39.13 -17.53 -16.30
CA ASP A 50 -38.12 -18.23 -17.07
C ASP A 50 -36.71 -17.97 -16.51
N VAL A 51 -36.49 -16.75 -16.01
CA VAL A 51 -35.23 -16.42 -15.33
C VAL A 51 -35.06 -17.23 -14.05
N LYS A 52 -36.16 -17.43 -13.32
CA LYS A 52 -36.16 -18.32 -12.15
C LYS A 52 -35.83 -19.79 -12.49
N LYS A 53 -35.99 -20.17 -13.76
CA LYS A 53 -35.68 -21.54 -14.20
C LYS A 53 -34.24 -21.74 -14.68
N ILE A 54 -33.46 -20.66 -14.77
CA ILE A 54 -32.05 -20.76 -15.17
C ILE A 54 -31.28 -21.59 -14.13
N THR A 55 -30.59 -22.62 -14.60
CA THR A 55 -29.80 -23.49 -13.72
C THR A 55 -28.31 -23.41 -14.04
N ALA A 56 -27.49 -23.92 -13.12
CA ALA A 56 -26.05 -24.07 -13.34
C ALA A 56 -25.50 -25.19 -12.47
N GLU A 57 -24.28 -25.63 -12.76
CA GLU A 57 -23.64 -26.72 -12.01
C GLU A 57 -22.49 -26.20 -11.14
N ARG A 58 -22.45 -26.70 -9.90
CA ARG A 58 -21.39 -26.33 -8.96
C ARG A 58 -20.84 -27.61 -8.33
N HIS A 59 -19.63 -28.00 -8.72
CA HIS A 59 -19.07 -29.32 -8.37
C HIS A 59 -20.11 -30.43 -8.54
N GLY A 60 -20.79 -30.42 -9.67
CA GLY A 60 -21.82 -31.41 -9.98
C GLY A 60 -23.04 -31.33 -9.06
N THR A 61 -23.31 -30.14 -8.52
CA THR A 61 -24.47 -29.90 -7.68
C THR A 61 -25.31 -28.82 -8.34
N THR A 62 -26.63 -29.00 -8.31
CA THR A 62 -27.53 -28.16 -9.07
C THR A 62 -27.77 -26.83 -8.38
N VAL A 63 -27.49 -25.75 -9.09
CA VAL A 63 -27.65 -24.39 -8.60
C VAL A 63 -28.83 -23.76 -9.31
N ARG A 64 -29.65 -23.03 -8.57
CA ARG A 64 -30.86 -22.43 -9.13
C ARG A 64 -31.27 -21.16 -8.38
N VAL A 65 -32.13 -20.35 -9.01
CA VAL A 65 -32.68 -19.16 -8.38
C VAL A 65 -33.79 -19.60 -7.43
N VAL A 66 -33.57 -19.39 -6.14
CA VAL A 66 -34.50 -19.82 -5.09
C VAL A 66 -35.73 -18.90 -4.99
N ARG A 67 -35.51 -17.60 -5.11
CA ARG A 67 -36.58 -16.61 -4.94
C ARG A 67 -36.32 -15.34 -5.73
N ALA A 68 -37.39 -14.68 -6.16
CA ALA A 68 -37.31 -13.43 -6.89
C ALA A 68 -38.31 -12.44 -6.32
N GLU A 69 -37.84 -11.23 -6.04
CA GLU A 69 -38.67 -10.18 -5.45
C GLU A 69 -38.35 -8.87 -6.15
N LYS A 70 -39.38 -8.20 -6.66
CA LYS A 70 -39.22 -6.93 -7.35
C LYS A 70 -38.96 -5.85 -6.31
N VAL A 71 -38.06 -4.93 -6.63
CA VAL A 71 -37.62 -3.91 -5.67
C VAL A 71 -37.35 -2.59 -6.37
N LYS A 72 -37.77 -1.50 -5.74
CA LYS A 72 -37.58 -0.16 -6.27
C LYS A 72 -36.39 0.48 -5.57
N LYS A 73 -35.35 0.78 -6.34
CA LYS A 73 -34.13 1.37 -5.82
C LYS A 73 -33.81 2.66 -6.57
N LYS A 74 -32.72 3.30 -6.19
CA LYS A 74 -32.22 4.47 -6.89
C LYS A 74 -30.86 4.13 -7.47
N PHE A 75 -30.66 4.41 -8.76
CA PHE A 75 -29.39 4.19 -9.43
C PHE A 75 -28.85 5.53 -9.93
N LEU A 76 -27.76 5.98 -9.32
CA LEU A 76 -27.15 7.28 -9.62
C LEU A 76 -28.17 8.40 -9.56
N GLY A 77 -28.92 8.44 -8.47
CA GLY A 77 -29.90 9.50 -8.22
C GLY A 77 -31.10 9.50 -9.15
N ARG A 78 -31.45 8.32 -9.66
CA ARG A 78 -32.64 8.17 -10.51
C ARG A 78 -33.32 6.83 -10.20
N PRO A 79 -34.66 6.83 -10.05
CA PRO A 79 -35.35 5.59 -9.70
C PRO A 79 -35.11 4.46 -10.70
N ILE A 80 -34.92 3.24 -10.18
CA ILE A 80 -34.73 2.06 -11.02
C ILE A 80 -35.44 0.87 -10.41
N GLU A 81 -36.14 0.11 -11.26
CA GLU A 81 -36.89 -1.06 -10.81
C GLU A 81 -36.18 -2.32 -11.24
N VAL A 82 -35.59 -3.03 -10.27
CA VAL A 82 -34.85 -4.28 -10.53
C VAL A 82 -35.46 -5.46 -9.77
N TRP A 83 -34.96 -6.66 -10.07
CA TRP A 83 -35.36 -7.88 -9.37
C TRP A 83 -34.24 -8.40 -8.49
N LYS A 84 -34.51 -8.50 -7.20
CA LYS A 84 -33.59 -9.10 -6.23
C LYS A 84 -33.68 -10.62 -6.30
N LEU A 85 -32.63 -11.26 -6.83
CA LEU A 85 -32.61 -12.72 -6.99
C LEU A 85 -31.83 -13.40 -5.86
N TYR A 86 -32.50 -14.22 -5.07
CA TYR A 86 -31.87 -14.96 -3.97
C TYR A 86 -31.31 -16.33 -4.41
N PHE A 87 -30.33 -16.82 -3.67
CA PHE A 87 -29.71 -18.13 -3.90
C PHE A 87 -29.50 -18.82 -2.54
N THR A 88 -29.00 -20.06 -2.58
CA THR A 88 -28.80 -20.87 -1.36
C THR A 88 -27.41 -20.65 -0.77
N HIS A 89 -26.38 -20.83 -1.59
CA HIS A 89 -25.01 -20.73 -1.15
C HIS A 89 -24.33 -19.56 -1.87
N PRO A 90 -23.36 -18.91 -1.22
CA PRO A 90 -22.65 -17.82 -1.89
C PRO A 90 -21.84 -18.29 -3.11
N GLN A 91 -21.44 -19.56 -3.09
CA GLN A 91 -20.71 -20.16 -4.20
C GLN A 91 -21.59 -20.35 -5.44
N ASP A 92 -22.91 -20.23 -5.27
CA ASP A 92 -23.84 -20.29 -6.40
C ASP A 92 -23.75 -19.07 -7.29
N VAL A 93 -23.29 -17.94 -6.75
CA VAL A 93 -23.28 -16.67 -7.47
C VAL A 93 -22.40 -16.73 -8.72
N PRO A 94 -21.10 -17.06 -8.56
CA PRO A 94 -20.22 -17.08 -9.74
C PRO A 94 -20.49 -18.24 -10.70
N ALA A 95 -21.27 -19.24 -10.26
CA ALA A 95 -21.61 -20.38 -11.11
C ALA A 95 -22.79 -20.06 -12.02
N ILE A 96 -23.74 -19.27 -11.52
CA ILE A 96 -24.97 -18.96 -12.23
C ILE A 96 -25.04 -17.52 -12.76
N ARG A 97 -24.19 -16.64 -12.21
CA ARG A 97 -24.11 -15.21 -12.62
C ARG A 97 -24.37 -14.95 -14.10
N ASP A 98 -23.51 -15.52 -14.93
CA ASP A 98 -23.38 -15.12 -16.32
C ASP A 98 -24.51 -15.62 -17.18
N LYS A 99 -25.13 -16.73 -16.76
CA LYS A 99 -26.29 -17.29 -17.46
C LYS A 99 -27.51 -16.39 -17.28
N ILE A 100 -27.61 -15.74 -16.12
CA ILE A 100 -28.70 -14.80 -15.86
C ILE A 100 -28.54 -13.55 -16.74
N LYS A 101 -27.31 -13.05 -16.84
CA LYS A 101 -27.02 -11.90 -17.71
C LYS A 101 -27.18 -12.27 -19.19
N GLU A 102 -26.67 -13.44 -19.57
CA GLU A 102 -26.83 -13.94 -20.94
C GLU A 102 -28.29 -14.09 -21.37
N HIS A 103 -29.22 -14.15 -20.42
CA HIS A 103 -30.64 -14.22 -20.73
C HIS A 103 -31.07 -12.96 -21.48
N PRO A 104 -31.87 -13.14 -22.57
CA PRO A 104 -32.16 -12.02 -23.45
C PRO A 104 -33.04 -10.94 -22.83
N ALA A 105 -33.87 -11.32 -21.86
CA ALA A 105 -34.70 -10.37 -21.13
C ALA A 105 -33.94 -9.59 -20.04
N VAL A 106 -32.74 -10.03 -19.69
CA VAL A 106 -31.97 -9.40 -18.61
C VAL A 106 -30.93 -8.43 -19.16
N VAL A 107 -31.09 -7.14 -18.85
CA VAL A 107 -30.21 -6.11 -19.43
C VAL A 107 -28.81 -6.19 -18.83
N ASP A 108 -28.75 -6.29 -17.51
CA ASP A 108 -27.49 -6.42 -16.79
C ASP A 108 -27.79 -6.89 -15.38
N ILE A 109 -26.74 -7.24 -14.63
CA ILE A 109 -26.88 -7.62 -13.23
C ILE A 109 -26.03 -6.71 -12.36
N TYR A 110 -26.42 -6.57 -11.09
CA TYR A 110 -25.77 -5.64 -10.15
C TYR A 110 -25.49 -6.28 -8.80
N GLU A 111 -24.44 -5.80 -8.14
CA GLU A 111 -24.03 -6.30 -6.82
C GLU A 111 -23.92 -7.82 -6.83
N TYR A 112 -23.07 -8.32 -7.73
CA TYR A 112 -22.91 -9.75 -7.97
C TYR A 112 -21.51 -10.26 -7.60
N ASP A 113 -20.63 -9.36 -7.15
CA ASP A 113 -19.26 -9.72 -6.81
C ASP A 113 -18.84 -9.19 -5.43
N ILE A 114 -19.79 -9.22 -4.49
CA ILE A 114 -19.59 -8.77 -3.12
C ILE A 114 -19.38 -9.98 -2.19
N PRO A 115 -18.15 -10.19 -1.70
CA PRO A 115 -17.93 -11.31 -0.77
C PRO A 115 -18.97 -11.40 0.34
N PHE A 116 -19.45 -12.63 0.56
CA PHE A 116 -20.59 -12.92 1.40
C PHE A 116 -20.48 -12.35 2.83
N ALA A 117 -19.33 -12.57 3.47
CA ALA A 117 -19.08 -12.05 4.82
C ALA A 117 -19.09 -10.52 4.88
N LYS A 118 -18.64 -9.87 3.81
CA LYS A 118 -18.67 -8.41 3.73
C LYS A 118 -20.08 -7.89 3.44
N ARG A 119 -20.80 -8.61 2.58
CA ARG A 119 -22.21 -8.34 2.33
C ARG A 119 -22.97 -8.36 3.64
N TYR A 120 -22.66 -9.36 4.47
CA TYR A 120 -23.29 -9.50 5.80
C TYR A 120 -23.06 -8.28 6.69
N LEU A 121 -21.80 -7.83 6.78
CA LEU A 121 -21.46 -6.64 7.59
C LEU A 121 -22.24 -5.42 7.14
N ILE A 122 -22.33 -5.23 5.84
CA ILE A 122 -23.00 -4.08 5.27
C ILE A 122 -24.51 -4.13 5.53
N ASP A 123 -25.10 -5.28 5.26
CA ASP A 123 -26.56 -5.41 5.28
C ASP A 123 -27.12 -5.35 6.69
N LYS A 124 -26.43 -6.00 7.62
CA LYS A 124 -26.83 -5.99 9.03
C LYS A 124 -26.42 -4.73 9.80
N GLY A 125 -25.74 -3.80 9.14
CA GLY A 125 -25.30 -2.57 9.79
C GLY A 125 -24.24 -2.76 10.86
N LEU A 126 -23.47 -3.84 10.77
CA LEU A 126 -22.41 -4.15 11.73
C LEU A 126 -21.15 -3.33 11.43
N ILE A 127 -20.54 -2.79 12.48
CA ILE A 127 -19.30 -2.02 12.36
C ILE A 127 -18.20 -2.74 13.13
N PRO A 128 -17.14 -3.18 12.44
CA PRO A 128 -16.01 -3.79 13.15
C PRO A 128 -15.14 -2.78 13.91
N MET A 129 -14.43 -3.27 14.92
CA MET A 129 -13.47 -2.48 15.70
C MET A 129 -14.11 -1.32 16.47
N GLU A 130 -15.38 -1.48 16.82
CA GLU A 130 -16.13 -0.41 17.46
C GLU A 130 -16.11 -0.55 18.97
N GLY A 131 -16.03 0.58 19.67
CA GLY A 131 -16.20 0.60 21.12
C GLY A 131 -14.92 0.55 21.95
N ASP A 132 -15.11 0.20 23.21
CA ASP A 132 -14.08 0.27 24.23
C ASP A 132 -13.69 -1.15 24.63
N GLU A 133 -12.74 -1.72 23.89
CA GLU A 133 -12.14 -2.99 24.25
C GLU A 133 -10.64 -2.90 23.96
N GLU A 134 -9.82 -3.07 24.99
CA GLU A 134 -8.37 -3.11 24.82
C GLU A 134 -7.98 -4.48 24.28
N LEU A 135 -7.41 -4.50 23.07
CA LEU A 135 -6.96 -5.73 22.43
C LEU A 135 -5.52 -6.02 22.80
N LYS A 136 -5.21 -7.27 23.13
CA LYS A 136 -3.84 -7.67 23.42
C LYS A 136 -3.13 -7.99 22.11
N MET A 137 -1.86 -7.59 22.01
CA MET A 137 -1.10 -7.72 20.78
C MET A 137 0.29 -8.28 21.01
N LEU A 138 0.78 -9.06 20.05
CA LEU A 138 2.11 -9.67 20.10
C LEU A 138 2.80 -9.54 18.76
N ALA A 139 4.05 -9.11 18.76
CA ALA A 139 4.85 -9.04 17.55
C ALA A 139 5.72 -10.29 17.47
N PHE A 140 6.05 -10.72 16.25
CA PHE A 140 7.04 -11.78 16.09
C PHE A 140 7.76 -11.72 14.74
N ASP A 141 8.98 -12.24 14.74
CA ASP A 141 9.82 -12.29 13.55
C ASP A 141 10.59 -13.61 13.58
N ILE A 142 11.13 -13.99 12.43
CA ILE A 142 12.01 -15.17 12.35
C ILE A 142 13.32 -14.83 11.67
N GLU A 143 14.33 -15.67 11.93
CA GLU A 143 15.61 -15.57 11.27
C GLU A 143 15.91 -16.93 10.67
N THR A 144 16.12 -16.97 9.35
CA THR A 144 16.34 -18.20 8.61
C THR A 144 17.78 -18.28 8.14
N LEU A 145 18.29 -19.50 8.00
CA LEU A 145 19.68 -19.71 7.61
C LEU A 145 19.82 -19.62 6.09
N GLU A 151 16.21 -22.86 -2.50
CA GLU A 151 14.77 -23.12 -2.45
C GLU A 151 14.18 -22.60 -1.14
N PHE A 152 12.89 -22.28 -1.18
CA PHE A 152 12.20 -21.67 -0.04
C PHE A 152 12.03 -22.69 1.08
N ALA A 153 12.39 -22.29 2.30
CA ALA A 153 12.27 -23.15 3.49
C ALA A 153 13.14 -24.41 3.39
N GLU A 154 14.28 -24.28 2.72
CA GLU A 154 15.22 -25.39 2.56
C GLU A 154 16.12 -25.47 3.78
N GLY A 155 16.67 -24.31 4.17
CA GLY A 155 17.45 -24.20 5.39
C GLY A 155 16.56 -24.07 6.60
N PRO A 156 17.11 -24.30 7.80
CA PRO A 156 16.31 -24.25 9.03
C PRO A 156 16.15 -22.84 9.59
N ILE A 157 15.13 -22.63 10.42
CA ILE A 157 14.93 -21.36 11.10
C ILE A 157 15.85 -21.31 12.32
N LEU A 158 16.75 -20.33 12.34
CA LEU A 158 17.72 -20.20 13.42
C LEU A 158 17.09 -19.61 14.68
N MET A 159 16.22 -18.61 14.52
CA MET A 159 15.62 -17.92 15.66
C MET A 159 14.17 -17.50 15.41
N ILE A 160 13.38 -17.45 16.49
CA ILE A 160 12.05 -16.86 16.46
C ILE A 160 11.95 -15.85 17.60
N SER A 161 11.82 -14.58 17.27
CA SER A 161 11.73 -13.51 18.26
C SER A 161 10.28 -13.04 18.41
N TYR A 162 9.93 -12.59 19.61
CA TYR A 162 8.63 -11.99 19.85
C TYR A 162 8.71 -10.83 20.84
N ALA A 163 7.70 -9.96 20.80
CA ALA A 163 7.69 -8.76 21.64
C ALA A 163 6.26 -8.32 22.00
N ASP A 164 6.09 -7.87 23.23
CA ASP A 164 4.83 -7.31 23.70
C ASP A 164 5.06 -6.36 24.90
N GLU A 165 4.04 -6.15 25.73
CA GLU A 165 4.16 -5.28 26.91
C GLU A 165 5.16 -5.83 27.94
N GLU A 166 5.16 -7.15 28.16
CA GLU A 166 6.13 -7.79 29.06
C GLU A 166 7.58 -7.66 28.59
N GLY A 167 7.78 -7.43 27.29
CA GLY A 167 9.13 -7.22 26.74
C GLY A 167 9.34 -7.93 25.41
N ALA A 168 10.62 -8.16 25.07
CA ALA A 168 10.99 -8.75 23.78
C ALA A 168 12.01 -9.86 23.94
N ARG A 169 11.61 -11.10 23.63
CA ARG A 169 12.45 -12.27 23.83
C ARG A 169 12.80 -12.97 22.52
N VAL A 170 13.66 -13.98 22.60
CA VAL A 170 14.11 -14.73 21.43
C VAL A 170 14.19 -16.21 21.76
N ILE A 171 13.76 -17.05 20.82
CA ILE A 171 13.86 -18.50 20.97
C ILE A 171 14.82 -19.06 19.94
N THR A 172 15.91 -19.67 20.41
CA THR A 172 16.93 -20.23 19.52
C THR A 172 17.32 -21.63 19.97
N TRP A 173 17.91 -22.41 19.07
CA TRP A 173 18.36 -23.77 19.39
C TRP A 173 19.88 -23.90 19.38
N LYS A 174 20.54 -22.89 19.91
CA LYS A 174 21.96 -22.94 20.24
C LYS A 174 22.17 -22.12 21.51
N ASN A 175 23.15 -22.51 22.33
CA ASN A 175 23.37 -21.82 23.61
C ASN A 175 23.94 -20.41 23.42
N ILE A 176 23.12 -19.40 23.69
CA ILE A 176 23.55 -18.02 23.68
C ILE A 176 23.28 -17.41 25.05
N ASP A 177 24.34 -17.02 25.76
CA ASP A 177 24.21 -16.43 27.09
C ASP A 177 23.82 -14.96 27.03
N LEU A 178 22.52 -14.73 26.86
CA LEU A 178 21.90 -13.41 27.04
C LEU A 178 20.62 -13.65 27.82
N PRO A 179 20.20 -12.67 28.64
CA PRO A 179 19.03 -12.88 29.49
C PRO A 179 17.72 -13.11 28.71
N TYR A 180 17.52 -12.34 27.64
CA TYR A 180 16.30 -12.44 26.82
C TYR A 180 16.25 -13.64 25.84
N VAL A 181 17.29 -14.48 25.82
CA VAL A 181 17.37 -15.59 24.87
C VAL A 181 16.99 -16.94 25.52
N ASP A 182 15.84 -17.47 25.13
CA ASP A 182 15.40 -18.80 25.57
C ASP A 182 16.05 -19.86 24.71
N VAL A 183 16.81 -20.76 25.34
CA VAL A 183 17.57 -21.78 24.62
C VAL A 183 16.80 -23.10 24.60
N VAL A 184 16.60 -23.64 23.41
CA VAL A 184 15.80 -24.84 23.18
C VAL A 184 16.66 -25.89 22.48
N SER A 185 16.21 -27.15 22.49
CA SER A 185 17.03 -28.25 22.02
C SER A 185 17.20 -28.25 20.51
N THR A 186 16.07 -28.26 19.79
CA THR A 186 16.09 -28.30 18.33
C THR A 186 15.13 -27.28 17.71
N GLU A 187 15.27 -27.09 16.40
CA GLU A 187 14.40 -26.23 15.60
C GLU A 187 12.91 -26.59 15.77
N LYS A 188 12.61 -27.89 15.80
CA LYS A 188 11.24 -28.35 16.02
C LYS A 188 10.70 -27.86 17.35
N GLU A 189 11.50 -28.00 18.41
CA GLU A 189 11.10 -27.56 19.75
C GLU A 189 11.08 -26.03 19.86
N MET A 190 11.86 -25.35 19.02
CA MET A 190 11.80 -23.88 18.93
C MET A 190 10.43 -23.44 18.44
N ILE A 191 9.96 -24.07 17.36
CA ILE A 191 8.65 -23.76 16.77
C ILE A 191 7.52 -24.11 17.74
N LYS A 192 7.59 -25.31 18.30
CA LYS A 192 6.63 -25.76 19.33
C LYS A 192 6.57 -24.81 20.53
N ARG A 193 7.72 -24.31 20.96
CA ARG A 193 7.81 -23.37 22.09
C ARG A 193 7.13 -22.04 21.76
N PHE A 194 7.28 -21.60 20.51
CA PHE A 194 6.61 -20.40 20.02
C PHE A 194 5.09 -20.59 19.92
N LEU A 195 4.65 -21.82 19.63
CA LEU A 195 3.21 -22.13 19.62
C LEU A 195 2.62 -22.04 21.02
N LYS A 196 3.32 -22.54 22.03
CA LYS A 196 2.87 -22.44 23.42
C LYS A 196 2.67 -21.00 23.84
N VAL A 197 3.68 -20.17 23.58
CA VAL A 197 3.68 -18.76 23.98
C VAL A 197 2.52 -17.98 23.35
N VAL A 198 2.16 -18.32 22.12
CA VAL A 198 1.03 -17.66 21.47
C VAL A 198 -0.29 -18.05 22.12
N LYS A 199 -0.50 -19.36 22.32
CA LYS A 199 -1.71 -19.85 22.97
C LYS A 199 -1.81 -19.41 24.43
N GLU A 200 -0.66 -19.24 25.09
CA GLU A 200 -0.61 -18.79 26.50
C GLU A 200 -0.90 -17.29 26.65
N LYS A 201 -0.30 -16.48 25.79
CA LYS A 201 -0.55 -15.02 25.80
C LYS A 201 -1.91 -14.65 25.18
N ASP A 202 -2.47 -15.58 24.39
CA ASP A 202 -3.79 -15.42 23.77
C ASP A 202 -4.06 -14.03 23.16
N PRO A 203 -3.13 -13.52 22.33
CA PRO A 203 -3.31 -12.20 21.74
C PRO A 203 -4.43 -12.13 20.71
N ASP A 204 -4.98 -10.94 20.55
CA ASP A 204 -6.00 -10.69 19.55
C ASP A 204 -5.35 -10.34 18.21
N VAL A 205 -4.20 -9.67 18.28
CA VAL A 205 -3.46 -9.23 17.11
C VAL A 205 -2.06 -9.83 17.12
N LEU A 206 -1.69 -10.50 16.04
CA LEU A 206 -0.31 -10.90 15.79
C LEU A 206 0.30 -9.94 14.76
N ILE A 207 1.34 -9.21 15.14
CA ILE A 207 1.96 -8.19 14.29
C ILE A 207 3.19 -8.76 13.60
N THR A 208 3.31 -8.52 12.29
CA THR A 208 4.51 -8.91 11.54
C THR A 208 4.94 -7.81 10.57
N TYR A 209 6.12 -7.98 9.98
CA TYR A 209 6.57 -7.14 8.88
C TYR A 209 6.93 -8.02 7.67
N ASN A 210 6.07 -7.96 6.65
CA ASN A 210 6.13 -8.83 5.48
C ASN A 210 5.89 -10.30 5.82
N GLY A 211 5.02 -10.53 6.80
CA GLY A 211 4.64 -11.88 7.20
C GLY A 211 3.74 -12.59 6.20
N ASP A 212 3.08 -11.81 5.35
CA ASP A 212 2.26 -12.37 4.25
C ASP A 212 3.07 -13.15 3.23
N ASN A 213 4.30 -12.71 2.97
CA ASN A 213 5.15 -13.26 1.92
C ASN A 213 6.46 -13.85 2.42
N PHE A 214 6.54 -14.20 3.70
CA PHE A 214 7.77 -14.81 4.24
C PHE A 214 7.53 -15.57 5.55
N ALA A 215 7.35 -14.85 6.65
CA ALA A 215 7.34 -15.45 7.99
C ALA A 215 6.41 -16.67 8.11
N PHE A 216 5.11 -16.45 7.98
CA PHE A 216 4.12 -17.53 8.09
C PHE A 216 4.37 -18.68 7.11
N ALA A 217 4.67 -18.34 5.86
CA ALA A 217 4.87 -19.33 4.82
C ALA A 217 6.08 -20.24 5.13
N TYR A 218 7.17 -19.62 5.59
CA TYR A 218 8.36 -20.36 6.01
C TYR A 218 8.01 -21.27 7.19
N LEU A 219 7.38 -20.68 8.21
CA LEU A 219 6.93 -21.42 9.39
C LEU A 219 6.07 -22.63 9.05
N LYS A 220 5.18 -22.47 8.07
CA LYS A 220 4.37 -23.58 7.54
C LYS A 220 5.22 -24.74 7.02
N LYS A 221 6.19 -24.42 6.16
CA LYS A 221 6.97 -25.43 5.45
C LYS A 221 7.98 -26.16 6.34
N ARG A 222 8.47 -25.50 7.38
CA ARG A 222 9.34 -26.16 8.36
C ARG A 222 8.51 -27.08 9.24
N SER A 223 7.37 -26.58 9.72
CA SER A 223 6.42 -27.39 10.46
C SER A 223 5.86 -28.54 9.60
N GLU A 224 5.76 -28.31 8.29
CA GLU A 224 5.36 -29.36 7.34
C GLU A 224 6.44 -30.46 7.29
N LYS A 225 7.70 -30.04 7.24
CA LYS A 225 8.83 -30.95 7.12
C LYS A 225 9.16 -31.62 8.45
N LEU A 226 9.25 -30.81 9.50
CA LEU A 226 9.62 -31.29 10.84
C LEU A 226 8.50 -32.02 11.59
N GLY A 227 7.30 -32.05 11.00
CA GLY A 227 6.18 -32.81 11.58
C GLY A 227 5.52 -32.15 12.76
N VAL A 228 5.40 -30.82 12.72
CA VAL A 228 4.67 -30.05 13.72
C VAL A 228 3.40 -29.50 13.09
N LYS A 229 2.30 -29.50 13.84
CA LYS A 229 1.05 -28.89 13.39
C LYS A 229 1.03 -27.44 13.82
N PHE A 230 1.23 -26.53 12.86
CA PHE A 230 1.34 -25.11 13.15
C PHE A 230 -0.02 -24.48 13.44
N ILE A 231 -0.47 -24.63 14.69
CA ILE A 231 -1.76 -24.09 15.13
C ILE A 231 -1.60 -22.72 15.80
N LEU A 232 -2.07 -21.68 15.13
CA LEU A 232 -2.19 -20.35 15.73
C LEU A 232 -3.64 -19.87 15.82
N GLY A 233 -4.55 -20.52 15.10
CA GLY A 233 -5.96 -20.17 15.14
C GLY A 233 -6.58 -20.47 16.50
N ARG A 234 -7.58 -19.67 16.89
CA ARG A 234 -8.24 -19.86 18.17
C ARG A 234 -9.15 -21.08 18.21
N GLU A 235 -9.81 -21.37 17.09
CA GLU A 235 -10.68 -22.55 16.99
C GLU A 235 -9.88 -23.83 16.72
N GLY A 236 -8.59 -23.70 16.41
CA GLY A 236 -7.69 -24.84 16.23
C GLY A 236 -7.19 -25.06 14.82
N SER A 237 -7.36 -24.06 13.96
CA SER A 237 -6.92 -24.13 12.57
C SER A 237 -5.51 -23.62 12.39
N GLU A 238 -4.88 -23.99 11.28
CA GLU A 238 -3.58 -23.44 10.90
C GLU A 238 -3.81 -22.08 10.24
N PRO A 239 -2.75 -21.28 10.05
CA PRO A 239 -2.89 -20.08 9.24
C PRO A 239 -3.21 -20.40 7.79
N LYS A 240 -4.24 -19.76 7.23
CA LYS A 240 -4.61 -19.95 5.83
C LYS A 240 -3.91 -18.93 4.93
N ILE A 241 -3.11 -19.42 3.98
CA ILE A 241 -2.45 -18.56 3.00
C ILE A 241 -3.38 -18.34 1.82
N GLN A 242 -3.92 -17.12 1.71
CA GLN A 242 -4.85 -16.76 0.66
C GLN A 242 -4.08 -16.18 -0.52
N ARG A 243 -4.79 -15.85 -1.59
CA ARG A 243 -4.16 -15.18 -2.73
C ARG A 243 -4.90 -13.91 -3.12
N MET A 244 -4.22 -12.78 -2.93
CA MET A 244 -4.75 -11.46 -3.29
C MET A 244 -4.23 -11.06 -4.66
N GLY A 245 -4.83 -11.64 -5.70
CA GLY A 245 -4.41 -11.40 -7.07
C GLY A 245 -2.96 -11.76 -7.30
N ASP A 246 -2.12 -10.75 -7.53
CA ASP A 246 -0.72 -10.96 -7.87
C ASP A 246 0.15 -11.36 -6.68
N ARG A 247 -0.41 -11.32 -5.46
CA ARG A 247 0.37 -11.55 -4.25
C ARG A 247 -0.39 -12.41 -3.23
N PHE A 248 0.30 -12.81 -2.17
CA PHE A 248 -0.23 -13.67 -1.13
C PHE A 248 -0.55 -12.90 0.15
N ALA A 249 -1.30 -13.53 1.04
CA ALA A 249 -1.70 -12.93 2.31
C ALA A 249 -2.20 -14.00 3.28
N VAL A 250 -2.01 -13.76 4.58
CA VAL A 250 -2.25 -14.80 5.58
C VAL A 250 -3.25 -14.39 6.67
N GLU A 251 -4.32 -15.17 6.80
CA GLU A 251 -5.29 -15.02 7.88
C GLU A 251 -4.98 -16.01 9.01
N VAL A 252 -5.21 -15.56 10.24
CA VAL A 252 -5.24 -16.44 11.39
C VAL A 252 -6.64 -16.31 12.00
N LYS A 253 -7.45 -17.36 11.87
CA LYS A 253 -8.84 -17.33 12.33
C LYS A 253 -8.91 -17.11 13.84
N GLY A 254 -9.74 -16.15 14.26
CA GLY A 254 -9.89 -15.80 15.67
C GLY A 254 -8.93 -14.72 16.13
N ARG A 255 -7.88 -14.49 15.36
CA ARG A 255 -6.94 -13.41 15.61
C ARG A 255 -6.90 -12.52 14.38
N ILE A 256 -6.36 -11.32 14.54
CA ILE A 256 -6.12 -10.42 13.43
C ILE A 256 -4.62 -10.44 13.14
N HIS A 257 -4.25 -11.03 12.00
CA HIS A 257 -2.88 -10.90 11.54
C HIS A 257 -2.77 -9.52 10.92
N PHE A 258 -1.97 -8.66 11.57
CA PHE A 258 -1.77 -7.29 11.14
C PHE A 258 -0.33 -7.15 10.63
N ASP A 259 -0.16 -7.31 9.32
CA ASP A 259 1.14 -7.14 8.67
C ASP A 259 1.41 -5.65 8.45
N LEU A 260 2.53 -5.18 8.95
CA LEU A 260 2.85 -3.75 8.87
C LEU A 260 3.26 -3.26 7.48
N TYR A 261 3.85 -4.14 6.66
CA TYR A 261 4.41 -3.73 5.35
C TYR A 261 3.42 -3.03 4.41
N PRO A 262 2.27 -3.66 4.09
CA PRO A 262 1.34 -2.97 3.19
C PRO A 262 0.81 -1.64 3.76
N VAL A 263 0.58 -1.57 5.07
CA VAL A 263 0.06 -0.36 5.70
C VAL A 263 1.04 0.78 5.52
N ILE A 264 2.32 0.51 5.84
CA ILE A 264 3.37 1.52 5.81
C ILE A 264 3.59 2.11 4.41
N ARG A 265 3.65 1.26 3.39
CA ARG A 265 3.81 1.73 2.01
C ARG A 265 2.67 2.65 1.57
N ARG A 266 1.46 2.34 2.01
CA ARG A 266 0.29 3.15 1.70
C ARG A 266 0.29 4.48 2.46
N THR A 267 0.92 4.48 3.65
CA THR A 267 0.90 5.63 4.54
C THR A 267 2.03 6.62 4.21
N ILE A 268 3.27 6.19 4.39
CA ILE A 268 4.44 7.05 4.20
C ILE A 268 5.07 6.83 2.83
N ASN A 269 6.08 7.65 2.52
CA ASN A 269 6.77 7.59 1.24
C ASN A 269 8.29 7.74 1.39
N LEU A 270 9.00 6.66 1.16
CA LEU A 270 10.47 6.66 1.17
C LEU A 270 10.99 5.65 0.13
N PRO A 271 12.31 5.69 -0.19
CA PRO A 271 12.81 4.87 -1.29
C PRO A 271 12.93 3.39 -0.98
N THR A 272 13.59 3.06 0.14
CA THR A 272 13.74 1.66 0.57
C THR A 272 12.84 1.37 1.77
N TYR A 273 12.02 0.33 1.66
CA TYR A 273 11.06 -0.02 2.71
C TYR A 273 11.54 -1.17 3.59
N THR A 274 12.81 -1.12 4.00
CA THR A 274 13.36 -2.10 4.93
C THR A 274 12.82 -1.82 6.33
N LEU A 275 13.02 -2.78 7.24
CA LEU A 275 12.55 -2.62 8.62
C LEU A 275 13.30 -1.50 9.33
N GLU A 276 14.57 -1.31 8.97
CA GLU A 276 15.39 -0.26 9.59
C GLU A 276 15.02 1.12 9.03
N ALA A 277 14.91 1.22 7.70
CA ALA A 277 14.53 2.47 7.05
C ALA A 277 13.18 2.96 7.56
N VAL A 278 12.19 2.08 7.54
CA VAL A 278 10.85 2.40 8.03
C VAL A 278 10.88 2.86 9.49
N TYR A 279 11.55 2.08 10.34
CA TYR A 279 11.70 2.44 11.75
C TYR A 279 12.45 3.76 11.96
N GLU A 280 13.38 4.07 11.06
CA GLU A 280 14.15 5.31 11.15
C GLU A 280 13.30 6.51 10.72
N ALA A 281 12.48 6.31 9.70
CA ALA A 281 11.60 7.37 9.21
C ALA A 281 10.50 7.73 10.22
N ILE A 282 10.04 6.74 10.99
CA ILE A 282 8.95 6.94 11.95
C ILE A 282 9.46 7.41 13.33
N PHE A 283 10.51 6.78 13.84
CA PHE A 283 10.99 7.01 15.22
C PHE A 283 12.33 7.76 15.33
N GLY A 284 12.92 8.13 14.19
CA GLY A 284 14.17 8.89 14.20
C GLY A 284 15.29 8.28 15.02
N GLN A 285 15.50 6.98 14.86
CA GLN A 285 16.64 6.30 15.48
C GLN A 285 17.13 5.18 14.55
N PRO A 286 18.45 5.08 14.35
CA PRO A 286 18.96 4.04 13.46
C PRO A 286 18.86 2.64 14.06
N LYS A 287 18.81 1.63 13.19
CA LYS A 287 18.83 0.23 13.61
C LYS A 287 19.87 -0.53 12.81
N GLU A 288 20.72 -1.28 13.51
CA GLU A 288 21.76 -2.07 12.86
C GLU A 288 21.14 -3.23 12.09
N LYS A 289 21.61 -3.44 10.86
CA LYS A 289 21.17 -4.53 10.01
C LYS A 289 22.26 -5.58 9.94
N VAL A 290 21.96 -6.78 10.43
CA VAL A 290 22.87 -7.92 10.29
C VAL A 290 22.41 -8.71 9.06
N TYR A 291 23.32 -8.89 8.10
CA TYR A 291 22.97 -9.48 6.82
C TYR A 291 22.96 -11.01 6.83
N ALA A 292 22.37 -11.59 5.80
CA ALA A 292 22.21 -13.05 5.70
C ALA A 292 23.55 -13.78 5.49
N GLU A 293 24.53 -13.08 4.90
CA GLU A 293 25.88 -13.62 4.76
C GLU A 293 26.62 -13.64 6.09
N GLU A 294 26.27 -12.71 6.97
CA GLU A 294 26.87 -12.61 8.30
C GLU A 294 26.25 -13.61 9.28
N ILE A 295 24.95 -13.89 9.10
CA ILE A 295 24.23 -14.81 9.99
C ILE A 295 24.70 -16.25 9.79
N ALA A 296 24.77 -16.67 8.53
CA ALA A 296 25.29 -18.00 8.19
C ALA A 296 26.68 -18.18 8.78
N GLN A 297 27.55 -17.20 8.55
CA GLN A 297 28.89 -17.17 9.12
C GLN A 297 28.85 -17.32 10.65
N ALA A 298 27.95 -16.57 11.28
CA ALA A 298 27.82 -16.60 12.73
C ALA A 298 27.33 -17.96 13.21
N TRP A 299 26.27 -18.46 12.59
CA TRP A 299 25.69 -19.76 12.96
C TRP A 299 26.65 -20.91 12.65
N GLU A 300 27.40 -20.80 11.56
CA GLU A 300 28.33 -21.86 11.13
C GLU A 300 29.49 -22.02 12.10
N THR A 301 30.26 -20.95 12.30
CA THR A 301 31.41 -20.96 13.19
C THR A 301 30.96 -21.01 14.66
N GLY A 302 30.08 -20.08 15.01
CA GLY A 302 29.77 -19.80 16.40
C GLY A 302 30.58 -18.58 16.83
N GLU A 303 30.54 -17.56 15.99
CA GLU A 303 31.28 -16.32 16.21
C GLU A 303 30.38 -15.13 15.89
N GLY A 304 29.80 -14.55 16.94
CA GLY A 304 28.94 -13.37 16.80
C GLY A 304 27.45 -13.66 16.94
N LEU A 305 27.11 -14.76 17.61
CA LEU A 305 25.71 -15.14 17.83
C LEU A 305 24.97 -14.19 18.78
N GLU A 306 25.73 -13.47 19.61
CA GLU A 306 25.16 -12.45 20.49
C GLU A 306 24.65 -11.25 19.67
N ARG A 307 25.44 -10.86 18.66
CA ARG A 307 25.05 -9.77 17.76
C ARG A 307 23.90 -10.17 16.84
N VAL A 308 23.87 -11.44 16.46
CA VAL A 308 22.76 -11.96 15.67
C VAL A 308 21.50 -12.07 16.52
N ALA A 309 21.65 -12.48 17.78
CA ALA A 309 20.53 -12.59 18.70
C ALA A 309 19.95 -11.22 19.09
N ARG A 310 20.81 -10.20 19.16
CA ARG A 310 20.36 -8.84 19.45
C ARG A 310 19.53 -8.29 18.30
N TYR A 311 20.02 -8.51 17.08
CA TYR A 311 19.32 -8.11 15.85
C TYR A 311 17.92 -8.71 15.75
N SER A 312 17.79 -9.98 16.13
CA SER A 312 16.51 -10.67 16.13
C SER A 312 15.57 -10.14 17.22
N MET A 313 16.12 -9.85 18.39
CA MET A 313 15.35 -9.25 19.48
C MET A 313 14.84 -7.87 19.11
N GLU A 314 15.70 -7.07 18.48
CA GLU A 314 15.34 -5.72 18.05
C GLU A 314 14.30 -5.75 16.93
N ASP A 315 14.45 -6.70 16.00
CA ASP A 315 13.45 -6.94 14.95
C ASP A 315 12.05 -7.11 15.54
N ALA A 316 11.93 -7.93 16.58
CA ALA A 316 10.64 -8.16 17.25
C ALA A 316 10.14 -6.91 17.97
N LYS A 317 11.06 -6.22 18.65
CA LYS A 317 10.70 -5.07 19.49
C LYS A 317 10.34 -3.85 18.66
N VAL A 318 11.10 -3.61 17.60
CA VAL A 318 10.84 -2.51 16.66
C VAL A 318 9.49 -2.71 15.95
N THR A 319 9.15 -3.96 15.67
CA THR A 319 7.87 -4.31 15.03
C THR A 319 6.68 -4.05 15.95
N TYR A 320 6.83 -4.36 17.23
CA TYR A 320 5.76 -4.16 18.20
C TYR A 320 5.48 -2.68 18.41
N GLU A 321 6.53 -1.89 18.57
CA GLU A 321 6.37 -0.45 18.77
C GLU A 321 5.95 0.26 17.47
N LEU A 322 6.35 -0.28 16.32
CA LEU A 322 5.75 0.13 15.04
C LEU A 322 4.27 -0.27 15.02
N GLY A 323 3.97 -1.47 15.54
CA GLY A 323 2.60 -1.96 15.61
C GLY A 323 1.71 -1.07 16.47
N LYS A 324 2.24 -0.64 17.61
CA LYS A 324 1.53 0.26 18.52
C LYS A 324 1.19 1.60 17.89
N GLU A 325 1.97 2.05 16.93
CA GLU A 325 1.76 3.36 16.29
C GLU A 325 0.66 3.33 15.22
N PHE A 326 0.64 2.29 14.38
CA PHE A 326 -0.24 2.26 13.21
C PHE A 326 -1.57 1.56 13.44
N PHE A 327 -1.60 0.55 14.30
CA PHE A 327 -2.82 -0.24 14.54
C PHE A 327 -4.02 0.63 14.94
N PRO A 328 -3.84 1.54 15.92
CA PRO A 328 -4.97 2.40 16.30
C PRO A 328 -5.59 3.13 15.10
N MET A 329 -4.76 3.56 14.17
CA MET A 329 -5.22 4.27 12.97
C MET A 329 -6.02 3.34 12.05
N GLU A 330 -5.46 2.16 11.77
CA GLU A 330 -6.17 1.15 10.99
C GLU A 330 -7.44 0.68 11.70
N ALA A 331 -7.39 0.63 13.02
CA ALA A 331 -8.59 0.35 13.82
C ALA A 331 -9.70 1.35 13.50
N GLN A 332 -9.36 2.63 13.46
CA GLN A 332 -10.35 3.68 13.18
C GLN A 332 -10.87 3.63 11.75
N LEU A 333 -9.99 3.36 10.79
CA LEU A 333 -10.39 3.24 9.38
C LEU A 333 -11.38 2.10 9.18
N SER A 334 -11.17 1.00 9.90
CA SER A 334 -12.11 -0.11 9.91
C SER A 334 -13.51 0.27 10.42
N ARG A 335 -13.57 1.16 11.40
CA ARG A 335 -14.85 1.62 11.95
C ARG A 335 -15.59 2.52 10.96
N LEU A 336 -14.86 3.36 10.25
CA LEU A 336 -15.46 4.26 9.25
C LEU A 336 -15.92 3.51 8.01
N VAL A 337 -15.08 2.59 7.53
CA VAL A 337 -15.38 1.80 6.33
C VAL A 337 -16.44 0.74 6.62
N GLY A 338 -16.38 0.16 7.82
CA GLY A 338 -17.27 -0.93 8.20
C GLY A 338 -16.83 -2.28 7.68
N GLN A 339 -15.52 -2.52 7.64
CA GLN A 339 -14.98 -3.81 7.24
C GLN A 339 -13.87 -4.19 8.21
N SER A 340 -13.42 -5.44 8.12
CA SER A 340 -12.46 -5.99 9.07
C SER A 340 -11.12 -5.28 8.96
N LEU A 341 -10.36 -5.28 10.05
CA LEU A 341 -9.03 -4.68 10.03
C LEU A 341 -8.08 -5.47 9.14
N TRP A 342 -8.35 -6.75 8.94
CA TRP A 342 -7.53 -7.56 8.06
C TRP A 342 -7.64 -7.03 6.62
N ASP A 343 -8.86 -6.67 6.23
CA ASP A 343 -9.13 -6.15 4.89
C ASP A 343 -8.68 -4.71 4.72
N VAL A 344 -9.05 -3.86 5.68
CA VAL A 344 -8.75 -2.43 5.61
C VAL A 344 -7.24 -2.17 5.65
N SER A 345 -6.51 -3.00 6.40
CA SER A 345 -5.06 -2.88 6.49
C SER A 345 -4.35 -3.26 5.21
N ARG A 346 -5.01 -4.06 4.37
CA ARG A 346 -4.41 -4.59 3.14
C ARG A 346 -4.98 -3.95 1.86
N SER A 347 -5.79 -2.90 2.01
CA SER A 347 -6.45 -2.29 0.86
C SER A 347 -5.77 -1.01 0.39
N SER A 348 -5.96 -0.70 -0.88
CA SER A 348 -5.60 0.61 -1.40
C SER A 348 -6.56 1.66 -0.85
N THR A 349 -6.03 2.87 -0.72
CA THR A 349 -6.84 4.05 -0.51
C THR A 349 -8.09 4.06 -1.42
N GLY A 350 -7.93 3.63 -2.66
CA GLY A 350 -9.04 3.54 -3.60
C GLY A 350 -10.14 2.66 -3.08
N ASN A 351 -9.79 1.41 -2.74
CA ASN A 351 -10.75 0.43 -2.25
C ASN A 351 -11.31 0.73 -0.85
N LEU A 352 -10.61 1.52 -0.04
CA LEU A 352 -11.18 2.02 1.21
C LEU A 352 -12.41 2.87 0.94
N VAL A 353 -12.37 3.64 -0.14
CA VAL A 353 -13.51 4.47 -0.52
C VAL A 353 -14.63 3.62 -1.12
N GLU A 354 -14.28 2.54 -1.83
CA GLU A 354 -15.30 1.64 -2.37
C GLU A 354 -16.21 1.07 -1.30
N TRP A 355 -15.61 0.45 -0.27
CA TRP A 355 -16.38 -0.24 0.76
C TRP A 355 -17.15 0.73 1.64
N PHE A 356 -16.57 1.90 1.91
CA PHE A 356 -17.33 2.97 2.55
C PHE A 356 -18.58 3.32 1.75
N LEU A 357 -18.41 3.54 0.44
CA LEU A 357 -19.52 3.92 -0.44
C LEU A 357 -20.58 2.83 -0.62
N LEU A 358 -20.15 1.57 -0.65
CA LEU A 358 -21.09 0.45 -0.77
C LEU A 358 -22.01 0.37 0.45
N ARG A 359 -21.40 0.37 1.64
CA ARG A 359 -22.14 0.40 2.91
C ARG A 359 -23.13 1.57 2.96
N LYS A 360 -22.66 2.75 2.60
CA LYS A 360 -23.54 3.94 2.56
C LYS A 360 -24.60 3.81 1.46
N ALA A 361 -24.24 3.22 0.33
CA ALA A 361 -25.19 2.97 -0.75
C ALA A 361 -26.36 2.12 -0.25
N TYR A 362 -26.06 1.09 0.52
CA TYR A 362 -27.09 0.20 1.05
C TYR A 362 -28.02 0.91 2.04
N GLU A 363 -27.47 1.82 2.82
CA GLU A 363 -28.25 2.56 3.81
C GLU A 363 -29.22 3.55 3.16
N ARG A 364 -28.83 4.11 2.01
CA ARG A 364 -29.70 5.05 1.27
C ARG A 364 -30.49 4.37 0.15
N ASN A 365 -30.45 3.03 0.10
CA ASN A 365 -31.14 2.27 -0.93
C ASN A 365 -30.62 2.58 -2.35
N GLU A 366 -29.34 2.96 -2.43
CA GLU A 366 -28.74 3.31 -3.70
C GLU A 366 -28.07 2.06 -4.27
N LEU A 367 -28.57 1.59 -5.41
CA LEU A 367 -27.99 0.46 -6.13
C LEU A 367 -26.56 0.81 -6.56
N ALA A 368 -25.63 -0.11 -6.31
CA ALA A 368 -24.23 0.10 -6.65
C ALA A 368 -23.98 -0.17 -8.14
N PRO A 369 -23.27 0.76 -8.82
CA PRO A 369 -22.79 0.46 -10.17
C PRO A 369 -21.71 -0.61 -10.15
N ASN A 370 -21.55 -1.32 -11.28
CA ASN A 370 -20.53 -2.35 -11.42
C ASN A 370 -19.15 -1.75 -11.66
N LYS A 371 -18.13 -2.60 -11.49
CA LYS A 371 -16.77 -2.29 -11.92
C LYS A 371 -16.64 -2.54 -13.42
N PRO A 372 -15.68 -1.89 -14.08
CA PRO A 372 -15.37 -2.18 -15.50
C PRO A 372 -15.00 -3.65 -15.75
N ASP A 373 -13.93 -4.11 -15.12
CA ASP A 373 -13.42 -5.48 -15.22
C ASP A 373 -13.94 -6.27 -16.43
N ALA A 385 -4.70 9.30 -13.99
CA ALA A 385 -4.91 10.53 -13.24
C ALA A 385 -4.12 11.70 -13.84
N GLY A 386 -4.13 12.83 -13.13
CA GLY A 386 -3.42 14.03 -13.59
C GLY A 386 -3.67 15.21 -12.67
N GLY A 387 -2.96 16.31 -12.90
CA GLY A 387 -3.13 17.51 -12.08
C GLY A 387 -2.13 18.63 -12.34
N TYR A 388 -1.96 19.48 -11.33
CA TYR A 388 -1.07 20.64 -11.40
C TYR A 388 0.38 20.19 -11.52
N VAL A 389 1.12 20.81 -12.45
CA VAL A 389 2.53 20.51 -12.64
C VAL A 389 3.32 21.75 -13.04
N LYS A 390 3.70 22.55 -12.03
CA LYS A 390 4.59 23.68 -12.24
C LYS A 390 5.97 23.11 -12.52
N GLU A 391 6.65 23.62 -13.54
CA GLU A 391 8.04 23.25 -13.78
C GLU A 391 8.89 23.86 -12.66
N PRO A 392 9.63 23.02 -11.94
CA PRO A 392 10.31 23.49 -10.75
C PRO A 392 11.48 24.42 -11.02
N GLU A 393 11.89 25.15 -9.98
CA GLU A 393 13.11 25.92 -10.04
C GLU A 393 14.32 24.99 -10.05
N ARG A 394 15.39 25.46 -10.69
CA ARG A 394 16.57 24.65 -10.99
C ARG A 394 17.63 24.81 -9.88
N GLY A 395 18.46 23.79 -9.69
CA GLY A 395 19.59 23.86 -8.76
C GLY A 395 19.27 23.43 -7.34
N LEU A 396 20.18 23.75 -6.41
CA LEU A 396 20.13 23.26 -5.03
C LEU A 396 19.75 24.40 -4.08
N TRP A 397 18.67 24.19 -3.33
CA TRP A 397 18.11 25.25 -2.46
C TRP A 397 18.27 24.93 -0.97
N GLU A 398 18.65 25.93 -0.19
CA GLU A 398 18.77 25.84 1.27
C GLU A 398 17.42 26.06 1.96
N ASN A 399 17.25 25.42 3.11
CA ASN A 399 16.12 25.68 4.02
C ASN A 399 14.74 25.64 3.36
N ILE A 400 14.30 24.43 3.02
CA ILE A 400 13.04 24.20 2.31
C ILE A 400 11.95 23.71 3.28
N VAL A 401 10.72 24.13 3.05
CA VAL A 401 9.55 23.62 3.76
C VAL A 401 8.55 23.04 2.76
N TYR A 402 7.80 22.03 3.19
CA TYR A 402 6.74 21.45 2.38
C TYR A 402 5.40 21.70 3.03
N LEU A 403 4.46 22.27 2.27
CA LEU A 403 3.09 22.43 2.70
C LEU A 403 2.16 21.61 1.80
N ASP A 404 1.15 21.01 2.41
CA ASP A 404 0.28 20.02 1.77
C ASP A 404 -1.04 20.65 1.27
N PHE A 405 -1.42 20.34 0.03
CA PHE A 405 -2.66 20.85 -0.59
C PHE A 405 -3.86 19.93 -0.39
N ARG A 406 -3.61 18.64 -0.24
CA ARG A 406 -4.67 17.61 -0.29
C ARG A 406 -5.97 18.00 0.45
N SER A 407 -5.83 18.67 1.59
CA SER A 407 -6.96 19.10 2.41
C SER A 407 -7.99 19.98 1.67
N LEU A 408 -7.56 20.63 0.59
CA LEU A 408 -8.45 21.47 -0.23
C LEU A 408 -9.63 20.71 -0.84
N TYR A 409 -9.37 19.51 -1.35
CA TYR A 409 -10.27 18.85 -2.31
C TYR A 409 -11.61 18.36 -1.76
N PRO A 410 -11.63 17.84 -0.52
CA PRO A 410 -12.94 17.45 0.03
C PRO A 410 -13.95 18.61 0.08
N SER A 411 -13.52 19.77 0.57
CA SER A 411 -14.39 20.96 0.61
C SER A 411 -14.85 21.40 -0.78
N ILE A 412 -13.96 21.29 -1.78
CA ILE A 412 -14.31 21.58 -3.16
C ILE A 412 -15.43 20.67 -3.67
N ILE A 413 -15.36 19.39 -3.33
CA ILE A 413 -16.40 18.41 -3.65
C ILE A 413 -17.72 18.77 -2.97
N ILE A 414 -17.62 19.13 -1.69
CA ILE A 414 -18.80 19.44 -0.89
C ILE A 414 -19.47 20.71 -1.38
N THR A 415 -18.69 21.78 -1.50
CA THR A 415 -19.23 23.09 -1.86
C THR A 415 -19.85 23.11 -3.25
N HIS A 416 -19.13 22.53 -4.22
CA HIS A 416 -19.59 22.54 -5.61
C HIS A 416 -20.41 21.30 -6.00
N ASN A 417 -20.79 20.51 -4.99
CA ASN A 417 -21.67 19.37 -5.17
C ASN A 417 -21.23 18.38 -6.26
N VAL A 418 -19.91 18.24 -6.43
CA VAL A 418 -19.34 17.41 -7.50
C VAL A 418 -19.61 15.93 -7.27
N SER A 419 -20.38 15.33 -8.16
CA SER A 419 -20.75 13.92 -8.05
C SER A 419 -21.20 13.40 -9.41
N PRO A 420 -21.06 12.07 -9.65
CA PRO A 420 -21.53 11.51 -10.92
C PRO A 420 -23.02 11.69 -11.12
N ASP A 421 -23.79 11.57 -10.04
CA ASP A 421 -25.25 11.79 -10.08
C ASP A 421 -25.66 13.26 -10.26
N THR A 422 -24.71 14.17 -10.13
CA THR A 422 -24.96 15.60 -10.36
C THR A 422 -24.34 16.12 -11.65
N LEU A 423 -23.53 15.29 -12.33
CA LEU A 423 -22.90 15.70 -13.58
C LEU A 423 -23.95 15.91 -14.67
N ASN A 424 -23.83 17.02 -15.40
CA ASN A 424 -24.75 17.38 -16.49
C ASN A 424 -26.19 16.96 -16.23
N ARG A 425 -26.71 17.34 -15.07
CA ARG A 425 -28.09 17.00 -14.70
C ARG A 425 -29.07 17.77 -15.58
N GLU A 426 -30.22 17.15 -15.82
CA GLU A 426 -31.22 17.69 -16.75
C GLU A 426 -32.33 18.43 -16.00
N GLY A 427 -32.40 19.75 -16.21
CA GLY A 427 -33.48 20.57 -15.69
C GLY A 427 -33.34 20.96 -14.22
N CYS A 428 -32.26 21.66 -13.90
CA CYS A 428 -32.07 22.24 -12.56
C CYS A 428 -32.08 23.76 -12.65
N GLU A 429 -32.44 24.41 -11.55
CA GLU A 429 -32.47 25.86 -11.49
C GLU A 429 -31.10 26.46 -11.19
N GLU A 430 -30.27 25.70 -10.46
CA GLU A 430 -28.94 26.14 -10.06
C GLU A 430 -27.86 25.17 -10.53
N TYR A 431 -26.77 25.72 -11.06
CA TYR A 431 -25.62 24.95 -11.51
C TYR A 431 -24.31 25.65 -11.15
N ASP A 432 -23.32 24.88 -10.73
CA ASP A 432 -21.95 25.39 -10.63
C ASP A 432 -21.15 24.77 -11.78
N VAL A 433 -20.49 25.64 -12.55
CA VAL A 433 -19.76 25.24 -13.75
C VAL A 433 -18.25 25.26 -13.49
N ALA A 434 -17.56 24.20 -13.90
CA ALA A 434 -16.12 24.08 -13.65
C ALA A 434 -15.31 24.99 -14.58
N PRO A 435 -14.21 25.58 -14.08
CA PRO A 435 -13.36 26.40 -14.95
C PRO A 435 -12.61 25.55 -15.99
N GLN A 436 -12.30 26.15 -17.14
CA GLN A 436 -11.55 25.50 -18.20
C GLN A 436 -12.30 24.35 -18.89
N VAL A 437 -12.52 23.26 -18.15
CA VAL A 437 -13.16 22.05 -18.70
C VAL A 437 -14.66 22.22 -18.98
N GLY A 438 -15.34 23.02 -18.17
CA GLY A 438 -16.72 23.44 -18.46
C GLY A 438 -17.84 22.48 -18.12
N HIS A 439 -17.56 21.48 -17.28
CA HIS A 439 -18.60 20.56 -16.80
C HIS A 439 -19.54 21.28 -15.83
N LYS A 440 -20.81 20.88 -15.84
CA LYS A 440 -21.82 21.45 -14.95
C LYS A 440 -22.24 20.45 -13.87
N PHE A 441 -22.68 20.96 -12.72
CA PHE A 441 -23.10 20.11 -11.60
C PHE A 441 -24.30 20.72 -10.88
N CYS A 442 -25.34 19.92 -10.68
CA CYS A 442 -26.60 20.41 -10.10
C CYS A 442 -26.47 20.84 -8.64
N LYS A 443 -27.24 21.85 -8.27
CA LYS A 443 -27.24 22.39 -6.91
C LYS A 443 -28.59 22.33 -6.20
N ASP A 444 -29.62 21.82 -6.88
CA ASP A 444 -30.96 21.76 -6.29
C ASP A 444 -31.04 20.76 -5.13
N PHE A 445 -30.26 19.67 -5.22
CA PHE A 445 -30.17 18.68 -4.15
C PHE A 445 -28.71 18.29 -3.91
N PRO A 446 -28.38 17.79 -2.71
CA PRO A 446 -27.01 17.38 -2.45
C PRO A 446 -26.70 16.01 -3.05
N GLY A 447 -25.53 15.88 -3.66
CA GLY A 447 -25.13 14.63 -4.29
C GLY A 447 -24.81 13.54 -3.27
N PHE A 448 -24.80 12.30 -3.74
CA PHE A 448 -24.51 11.13 -2.93
C PHE A 448 -23.18 11.27 -2.20
N ILE A 449 -22.09 11.36 -2.95
CA ILE A 449 -20.74 11.46 -2.39
C ILE A 449 -20.54 12.73 -1.55
N PRO A 450 -20.86 13.92 -2.12
CA PRO A 450 -20.73 15.17 -1.35
C PRO A 450 -21.42 15.20 0.01
N SER A 451 -22.62 14.64 0.11
CA SER A 451 -23.33 14.60 1.40
C SER A 451 -22.63 13.68 2.38
N LEU A 452 -22.10 12.56 1.87
CA LEU A 452 -21.28 11.65 2.68
C LEU A 452 -19.96 12.31 3.08
N LEU A 453 -19.33 13.03 2.14
CA LEU A 453 -18.11 13.78 2.46
C LEU A 453 -18.37 14.89 3.47
N GLY A 454 -19.51 15.55 3.33
CA GLY A 454 -19.93 16.60 4.27
C GLY A 454 -20.08 16.09 5.69
N ASP A 455 -20.60 14.88 5.84
CA ASP A 455 -20.83 14.30 7.17
C ASP A 455 -19.52 13.80 7.78
N LEU A 456 -18.61 13.31 6.94
CA LEU A 456 -17.29 12.89 7.42
C LEU A 456 -16.57 14.06 8.10
N LEU A 457 -16.66 15.24 7.49
CA LEU A 457 -16.02 16.43 8.04
C LEU A 457 -16.76 16.96 9.26
N GLU A 458 -18.08 17.02 9.20
CA GLU A 458 -18.89 17.43 10.34
C GLU A 458 -18.60 16.54 11.55
N GLU A 459 -18.38 15.24 11.29
CA GLU A 459 -18.00 14.31 12.34
C GLU A 459 -16.59 14.58 12.83
N ARG A 460 -15.69 14.93 11.92
CA ARG A 460 -14.30 15.21 12.28
C ARG A 460 -14.22 16.39 13.24
N GLN A 461 -14.97 17.45 12.97
CA GLN A 461 -15.00 18.62 13.83
C GLN A 461 -15.66 18.34 15.19
N LYS A 462 -16.72 17.53 15.19
CA LYS A 462 -17.39 17.11 16.42
C LYS A 462 -16.45 16.24 17.28
N VAL A 463 -15.60 15.47 16.60
CA VAL A 463 -14.58 14.67 17.29
C VAL A 463 -13.49 15.54 17.89
N LYS A 464 -13.05 16.55 17.13
CA LYS A 464 -12.00 17.48 17.61
C LYS A 464 -12.46 18.26 18.85
N LYS A 465 -13.74 18.59 18.92
CA LYS A 465 -14.29 19.30 20.07
C LYS A 465 -14.22 18.43 21.32
N LYS A 466 -14.79 17.23 21.21
CA LYS A 466 -14.78 16.26 22.31
C LYS A 466 -13.36 15.79 22.67
N MET A 467 -12.45 15.86 21.69
CA MET A 467 -11.05 15.53 21.90
C MET A 467 -10.40 16.49 22.90
N LYS A 468 -10.55 17.79 22.67
CA LYS A 468 -9.96 18.81 23.55
C LYS A 468 -10.60 18.83 24.94
N ALA A 469 -11.91 18.58 25.00
CA ALA A 469 -12.63 18.53 26.27
C ALA A 469 -12.17 17.38 27.15
N THR A 470 -12.24 16.16 26.61
CA THR A 470 -11.78 14.97 27.33
C THR A 470 -10.29 15.09 27.63
N ILE A 471 -9.90 14.71 28.84
CA ILE A 471 -8.50 14.84 29.29
C ILE A 471 -7.84 13.50 29.64
N ASP A 472 -8.59 12.41 29.56
CA ASP A 472 -8.03 11.07 29.76
C ASP A 472 -6.99 10.81 28.66
N PRO A 473 -5.69 10.78 29.02
CA PRO A 473 -4.62 10.75 28.01
C PRO A 473 -4.77 9.65 26.96
N ILE A 474 -5.33 8.51 27.35
CA ILE A 474 -5.50 7.38 26.44
C ILE A 474 -6.66 7.64 25.45
N GLU A 475 -7.75 8.24 25.93
CA GLU A 475 -8.86 8.62 25.07
C GLU A 475 -8.58 9.91 24.28
N LYS A 476 -7.63 10.71 24.75
CA LYS A 476 -7.19 11.89 24.00
C LYS A 476 -6.37 11.46 22.78
N LYS A 477 -5.65 10.34 22.92
CA LYS A 477 -4.90 9.74 21.81
C LYS A 477 -5.82 8.93 20.90
N LEU A 478 -6.88 8.36 21.47
CA LEU A 478 -7.84 7.56 20.69
C LEU A 478 -8.69 8.45 19.78
N LEU A 479 -9.19 9.56 20.33
CA LEU A 479 -9.97 10.52 19.54
C LEU A 479 -9.09 11.27 18.54
N ASP A 480 -7.81 11.41 18.85
CA ASP A 480 -6.83 11.96 17.92
C ASP A 480 -6.73 11.08 16.68
N TYR A 481 -6.70 9.76 16.89
CA TYR A 481 -6.64 8.80 15.78
C TYR A 481 -7.90 8.83 14.92
N ARG A 482 -9.07 8.86 15.55
CA ARG A 482 -10.34 8.87 14.81
C ARG A 482 -10.41 10.03 13.83
N GLN A 483 -10.09 11.22 14.31
CA GLN A 483 -9.99 12.42 13.47
C GLN A 483 -8.96 12.26 12.35
N ARG A 484 -7.80 11.67 12.66
CA ARG A 484 -6.78 11.42 11.63
C ARG A 484 -7.26 10.43 10.56
N ALA A 485 -8.05 9.44 10.98
CA ALA A 485 -8.59 8.43 10.06
C ALA A 485 -9.62 9.01 9.09
N ILE A 486 -10.40 9.97 9.56
CA ILE A 486 -11.38 10.67 8.71
C ILE A 486 -10.68 11.53 7.66
N LYS A 487 -9.52 12.10 8.03
CA LYS A 487 -8.71 12.88 7.11
C LYS A 487 -8.19 11.99 5.98
N ILE A 488 -7.61 10.83 6.33
CA ILE A 488 -7.09 9.93 5.29
C ILE A 488 -8.19 9.46 4.35
N LEU A 489 -9.36 9.16 4.89
CA LEU A 489 -10.51 8.74 4.10
C LEU A 489 -11.07 9.87 3.24
N ALA A 490 -11.29 11.04 3.83
CA ALA A 490 -11.80 12.21 3.09
C ALA A 490 -10.85 12.64 1.97
N ASN A 491 -9.55 12.60 2.24
CA ASN A 491 -8.52 12.96 1.26
C ASN A 491 -8.37 11.94 0.11
N SER A 492 -9.10 10.84 0.19
CA SER A 492 -9.00 9.78 -0.81
C SER A 492 -10.09 9.86 -1.89
N PHE A 493 -11.16 10.61 -1.62
CA PHE A 493 -12.26 10.73 -2.57
C PHE A 493 -11.82 11.33 -3.91
N TYR A 494 -11.01 12.38 -3.85
CA TYR A 494 -10.49 13.02 -5.07
C TYR A 494 -9.83 11.98 -5.97
N GLY A 495 -8.82 11.29 -5.45
CA GLY A 495 -8.14 10.23 -6.17
C GLY A 495 -9.07 9.11 -6.62
N TYR A 496 -10.07 8.78 -5.78
CA TYR A 496 -11.02 7.70 -6.09
C TYR A 496 -11.88 7.98 -7.32
N TYR A 497 -12.20 9.25 -7.58
CA TYR A 497 -12.99 9.59 -8.76
C TYR A 497 -12.37 9.14 -10.08
N GLY A 498 -11.03 9.14 -10.16
CA GLY A 498 -10.33 8.70 -11.37
C GLY A 498 -9.77 7.30 -11.29
N TYR A 499 -10.17 6.55 -10.27
CA TYR A 499 -9.66 5.22 -10.00
C TYR A 499 -10.18 4.26 -11.08
N ALA A 500 -9.30 3.38 -11.56
CA ALA A 500 -9.58 2.62 -12.79
C ALA A 500 -10.76 1.66 -12.64
N LYS A 501 -10.71 0.84 -11.60
CA LYS A 501 -11.77 -0.13 -11.30
C LYS A 501 -12.86 0.44 -10.39
N ALA A 502 -13.08 1.76 -10.43
CA ALA A 502 -14.02 2.40 -9.52
C ALA A 502 -15.47 2.23 -9.99
N ARG A 503 -16.32 1.76 -9.08
CA ARG A 503 -17.76 1.66 -9.35
C ARG A 503 -18.34 3.03 -9.69
N TRP A 504 -18.04 4.02 -8.85
CA TRP A 504 -18.53 5.39 -9.04
C TRP A 504 -17.48 6.25 -9.76
N TYR A 505 -16.98 5.72 -10.86
CA TYR A 505 -15.95 6.39 -11.66
C TYR A 505 -16.55 7.60 -12.37
N CYS A 506 -15.75 8.66 -12.50
CA CYS A 506 -16.20 9.88 -13.14
C CYS A 506 -15.00 10.76 -13.47
N LYS A 507 -14.49 10.64 -14.70
CA LYS A 507 -13.33 11.44 -15.12
C LYS A 507 -13.63 12.93 -15.11
N GLU A 508 -14.86 13.30 -15.46
CA GLU A 508 -15.30 14.69 -15.45
C GLU A 508 -15.25 15.26 -14.03
N CYS A 509 -15.71 14.47 -13.07
CA CYS A 509 -15.67 14.86 -11.66
C CYS A 509 -14.25 15.20 -11.20
N ALA A 510 -13.27 14.45 -11.68
CA ALA A 510 -11.87 14.64 -11.32
C ALA A 510 -11.28 15.90 -11.96
N GLU A 511 -11.36 15.97 -13.30
CA GLU A 511 -10.94 17.14 -14.04
C GLU A 511 -11.52 18.41 -13.42
N SER A 512 -12.79 18.36 -13.05
CA SER A 512 -13.48 19.49 -12.44
C SER A 512 -12.89 19.88 -11.09
N VAL A 513 -12.67 18.90 -10.22
CA VAL A 513 -12.05 19.17 -8.91
C VAL A 513 -10.63 19.71 -9.07
N THR A 514 -9.88 19.18 -10.05
CA THR A 514 -8.57 19.72 -10.39
C THR A 514 -8.67 21.20 -10.77
N ALA A 515 -9.55 21.50 -11.72
CA ALA A 515 -9.75 22.86 -12.21
C ALA A 515 -10.03 23.85 -11.08
N TRP A 516 -11.04 23.54 -10.25
CA TRP A 516 -11.38 24.40 -9.11
C TRP A 516 -10.23 24.52 -8.10
N GLY A 517 -9.39 23.48 -8.03
CA GLY A 517 -8.22 23.49 -7.17
C GLY A 517 -7.16 24.49 -7.59
N ARG A 518 -6.92 24.59 -8.91
CA ARG A 518 -5.91 25.51 -9.45
C ARG A 518 -6.01 26.90 -8.84
N GLN A 519 -7.23 27.42 -8.75
CA GLN A 519 -7.47 28.75 -8.20
C GLN A 519 -6.89 28.90 -6.80
N TYR A 520 -7.22 27.95 -5.93
CA TYR A 520 -6.74 27.98 -4.55
C TYR A 520 -5.24 27.74 -4.48
N ILE A 521 -4.72 26.91 -5.38
CA ILE A 521 -3.29 26.69 -5.47
C ILE A 521 -2.59 27.96 -5.95
N GLU A 522 -3.07 28.51 -7.06
CA GLU A 522 -2.56 29.78 -7.57
C GLU A 522 -2.59 30.84 -6.48
N THR A 523 -3.75 31.02 -5.88
CA THR A 523 -3.92 32.04 -4.84
C THR A 523 -2.96 31.82 -3.67
N THR A 524 -2.81 30.57 -3.25
CA THR A 524 -1.91 30.24 -2.14
C THR A 524 -0.46 30.58 -2.48
N ILE A 525 -0.04 30.24 -3.69
CA ILE A 525 1.31 30.54 -4.16
C ILE A 525 1.51 32.06 -4.29
N ARG A 526 0.45 32.74 -4.70
CA ARG A 526 0.48 34.20 -4.84
C ARG A 526 0.69 34.87 -3.47
N GLU A 527 -0.08 34.45 -2.47
CA GLU A 527 -0.02 35.02 -1.13
C GLU A 527 1.32 34.78 -0.42
N ILE A 528 1.82 33.56 -0.52
CA ILE A 528 3.07 33.18 0.17
C ILE A 528 4.28 33.91 -0.37
N GLU A 529 4.24 34.29 -1.66
CA GLU A 529 5.32 35.04 -2.28
C GLU A 529 5.27 36.53 -1.95
N GLU A 530 4.08 37.12 -2.05
CA GLU A 530 3.91 38.57 -1.82
C GLU A 530 3.92 38.96 -0.34
N LYS A 531 2.96 38.44 0.42
CA LYS A 531 2.82 38.83 1.83
C LYS A 531 3.89 38.25 2.75
N PHE A 532 4.59 37.20 2.31
CA PHE A 532 5.57 36.50 3.16
C PHE A 532 6.98 36.34 2.57
N GLY A 533 7.14 36.58 1.27
CA GLY A 533 8.46 36.65 0.64
C GLY A 533 9.08 35.33 0.23
N PHE A 534 8.31 34.24 0.25
CA PHE A 534 8.81 32.93 -0.14
C PHE A 534 8.95 32.83 -1.65
N LYS A 535 9.78 31.89 -2.10
CA LYS A 535 9.84 31.49 -3.50
C LYS A 535 9.44 30.02 -3.60
N VAL A 536 8.36 29.74 -4.32
CA VAL A 536 7.89 28.36 -4.51
C VAL A 536 8.76 27.61 -5.51
N LEU A 537 9.39 26.54 -5.05
CA LEU A 537 10.38 25.81 -5.84
C LEU A 537 9.73 24.71 -6.67
N TYR A 538 8.72 24.07 -6.10
CA TYR A 538 8.04 22.96 -6.73
C TYR A 538 6.63 22.93 -6.19
N ALA A 539 5.65 22.70 -7.06
CA ALA A 539 4.26 22.60 -6.64
C ALA A 539 3.57 21.57 -7.51
N ASP A 540 2.88 20.62 -6.86
CA ASP A 540 2.14 19.58 -7.59
C ASP A 540 0.72 19.40 -7.04
N THR A 541 0.04 18.38 -7.53
CA THR A 541 -1.35 18.10 -7.14
C THR A 541 -1.51 17.88 -5.61
N ASP A 542 -0.44 17.46 -4.95
CA ASP A 542 -0.46 17.12 -3.52
C ASP A 542 0.00 18.24 -2.58
N GLY A 543 0.95 19.07 -3.02
CA GLY A 543 1.54 20.10 -2.16
C GLY A 543 2.61 20.91 -2.88
N PHE A 544 3.37 21.69 -2.13
CA PHE A 544 4.46 22.49 -2.72
C PHE A 544 5.65 22.69 -1.78
N PHE A 545 6.84 22.79 -2.35
CA PHE A 545 8.06 23.12 -1.62
C PHE A 545 8.37 24.62 -1.78
N ALA A 546 8.89 25.24 -0.73
CA ALA A 546 9.18 26.67 -0.76
C ALA A 546 10.28 27.06 0.22
N THR A 547 11.00 28.13 -0.11
CA THR A 547 12.00 28.72 0.77
C THR A 547 11.97 30.25 0.69
N ILE A 548 12.75 30.90 1.55
CA ILE A 548 12.98 32.33 1.47
C ILE A 548 14.47 32.54 1.17
N PRO A 549 14.80 32.98 -0.07
CA PRO A 549 16.19 33.17 -0.48
C PRO A 549 17.00 34.01 0.51
N GLY A 550 18.15 33.48 0.93
CA GLY A 550 19.06 34.19 1.82
C GLY A 550 18.73 34.06 3.31
N ALA A 551 17.64 33.38 3.63
CA ALA A 551 17.13 33.33 5.00
C ALA A 551 17.75 32.20 5.83
N ASP A 552 17.81 32.42 7.15
CA ASP A 552 18.20 31.39 8.12
C ASP A 552 17.06 30.37 8.26
N ALA A 553 17.42 29.15 8.64
CA ALA A 553 16.46 28.05 8.80
C ALA A 553 15.29 28.38 9.74
N GLU A 554 15.60 29.03 10.86
CA GLU A 554 14.61 29.31 11.89
C GLU A 554 13.57 30.33 11.44
N THR A 555 14.04 31.36 10.74
CA THR A 555 13.14 32.34 10.11
C THR A 555 12.14 31.63 9.20
N VAL A 556 12.64 30.78 8.30
CA VAL A 556 11.80 30.06 7.35
C VAL A 556 10.71 29.23 8.04
N LYS A 557 11.09 28.45 9.05
CA LYS A 557 10.13 27.70 9.86
C LYS A 557 9.09 28.65 10.44
N LYS A 558 9.58 29.71 11.08
CA LYS A 558 8.74 30.69 11.78
C LYS A 558 7.79 31.37 10.81
N LYS A 559 8.33 31.83 9.68
CA LYS A 559 7.54 32.49 8.64
C LYS A 559 6.56 31.52 7.95
N ALA A 560 6.95 30.26 7.83
CA ALA A 560 6.09 29.22 7.23
C ALA A 560 4.89 28.94 8.12
N LYS A 561 5.14 28.82 9.42
CA LYS A 561 4.08 28.62 10.40
C LYS A 561 3.18 29.84 10.50
N GLU A 562 3.76 31.03 10.33
CA GLU A 562 2.97 32.26 10.24
C GLU A 562 2.06 32.26 9.01
N PHE A 563 2.57 31.79 7.88
CA PHE A 563 1.76 31.68 6.66
C PHE A 563 0.61 30.68 6.82
N LEU A 564 0.87 29.57 7.52
CA LEU A 564 -0.14 28.53 7.70
C LEU A 564 -1.37 29.10 8.41
N ASP A 565 -1.14 29.78 9.53
CA ASP A 565 -2.20 30.42 10.30
C ASP A 565 -2.93 31.48 9.47
N TYR A 566 -2.20 32.17 8.61
CA TYR A 566 -2.80 33.21 7.76
C TYR A 566 -3.70 32.63 6.68
N ILE A 567 -3.16 31.67 5.92
CA ILE A 567 -3.86 31.15 4.75
C ILE A 567 -5.12 30.37 5.15
N ASN A 568 -5.02 29.57 6.21
CA ASN A 568 -6.15 28.80 6.72
C ASN A 568 -7.25 29.66 7.34
N ALA A 569 -6.89 30.87 7.78
CA ALA A 569 -7.86 31.85 8.21
C ALA A 569 -8.60 32.45 7.00
N LYS A 570 -7.90 32.63 5.89
CA LYS A 570 -8.46 33.25 4.69
C LYS A 570 -9.27 32.28 3.83
N LEU A 571 -8.90 30.99 3.84
CA LEU A 571 -9.63 29.98 3.06
C LEU A 571 -10.86 29.51 3.84
N PRO A 572 -12.07 29.79 3.32
CA PRO A 572 -13.34 29.55 4.02
C PRO A 572 -13.45 28.19 4.71
N GLY A 573 -13.99 28.19 5.93
CA GLY A 573 -14.36 26.97 6.65
C GLY A 573 -13.28 25.91 6.75
N LEU A 574 -13.56 24.75 6.18
CA LEU A 574 -12.71 23.56 6.33
C LEU A 574 -11.63 23.44 5.24
N LEU A 575 -11.46 24.50 4.45
CA LEU A 575 -10.34 24.57 3.50
C LEU A 575 -9.04 24.76 4.28
N GLU A 576 -8.16 23.75 4.23
CA GLU A 576 -6.97 23.70 5.07
C GLU A 576 -5.68 23.50 4.27
N LEU A 577 -4.55 23.77 4.94
CA LEU A 577 -3.23 23.37 4.47
C LEU A 577 -2.45 22.85 5.69
N GLU A 578 -1.49 21.96 5.47
CA GLU A 578 -0.67 21.43 6.56
C GLU A 578 0.82 21.66 6.32
N TYR A 579 1.56 21.82 7.42
CA TYR A 579 3.01 21.95 7.40
C TYR A 579 3.60 20.56 7.65
N GLU A 580 4.27 20.00 6.64
CA GLU A 580 4.72 18.60 6.72
C GLU A 580 6.13 18.47 7.27
N GLY A 581 7.05 19.28 6.75
CA GLY A 581 8.43 19.26 7.24
C GLY A 581 9.33 20.39 6.78
N PHE A 582 10.49 20.44 7.42
CA PHE A 582 11.57 21.31 7.02
C PHE A 582 12.69 20.44 6.45
N TYR A 583 13.40 20.95 5.45
CA TYR A 583 14.49 20.21 4.83
C TYR A 583 15.70 21.11 4.65
N LYS A 584 16.87 20.61 5.03
CA LYS A 584 18.09 21.39 5.05
C LYS A 584 18.44 21.88 3.64
N ARG A 585 18.37 20.98 2.66
CA ARG A 585 18.37 21.39 1.26
C ARG A 585 17.77 20.35 0.32
N GLY A 586 17.60 20.75 -0.94
CA GLY A 586 17.10 19.84 -1.96
C GLY A 586 17.19 20.44 -3.34
N PHE A 587 16.85 19.62 -4.33
CA PHE A 587 16.69 20.06 -5.71
C PHE A 587 15.42 19.41 -6.27
N PHE A 588 14.99 19.84 -7.45
CA PHE A 588 13.71 19.43 -8.01
C PHE A 588 13.80 19.27 -9.52
N VAL A 589 13.57 18.05 -10.00
CA VAL A 589 13.82 17.68 -11.40
C VAL A 589 12.61 17.93 -12.29
N THR A 590 11.54 17.18 -12.05
CA THR A 590 10.29 17.36 -12.78
C THR A 590 9.15 16.84 -11.90
N LYS A 591 7.94 16.74 -12.45
CA LYS A 591 6.78 16.25 -11.68
C LYS A 591 7.12 14.98 -10.90
N LYS A 592 6.84 14.99 -9.59
CA LYS A 592 7.05 13.82 -8.74
C LYS A 592 8.50 13.28 -8.76
N LYS A 593 9.46 14.13 -9.09
CA LYS A 593 10.86 13.75 -9.10
C LYS A 593 11.69 14.84 -8.46
N TYR A 594 12.16 14.57 -7.25
CA TYR A 594 12.97 15.51 -6.49
C TYR A 594 13.73 14.76 -5.41
N ALA A 595 14.60 15.49 -4.70
CA ALA A 595 15.38 14.94 -3.61
C ALA A 595 15.65 16.00 -2.56
N VAL A 596 15.60 15.59 -1.29
CA VAL A 596 15.75 16.50 -0.16
C VAL A 596 16.49 15.81 0.97
N ILE A 597 17.03 16.62 1.89
CA ILE A 597 17.79 16.12 3.02
C ILE A 597 17.41 16.92 4.27
N ASP A 598 17.02 16.22 5.33
CA ASP A 598 16.58 16.88 6.56
C ASP A 598 17.79 17.27 7.43
N GLU A 599 17.51 17.90 8.57
CA GLU A 599 18.57 18.35 9.48
C GLU A 599 19.32 17.20 10.17
N GLU A 600 18.73 16.00 10.13
CA GLU A 600 19.39 14.78 10.62
C GLU A 600 20.18 14.08 9.51
N ASP A 601 20.38 14.77 8.38
CA ASP A 601 21.10 14.24 7.21
C ASP A 601 20.48 12.93 6.68
N LYS A 602 19.15 12.89 6.64
CA LYS A 602 18.41 11.75 6.10
C LYS A 602 17.81 12.09 4.74
N ILE A 603 18.36 11.50 3.68
CA ILE A 603 17.98 11.81 2.30
C ILE A 603 16.61 11.23 1.99
N THR A 604 15.80 11.97 1.23
CA THR A 604 14.46 11.54 0.87
C THR A 604 14.12 11.90 -0.59
N THR A 605 14.28 10.92 -1.46
CA THR A 605 13.99 11.07 -2.88
C THR A 605 12.58 10.58 -3.20
N ARG A 606 11.98 11.19 -4.22
CA ARG A 606 10.79 10.65 -4.88
C ARG A 606 11.11 10.50 -6.36
N GLY A 607 10.75 9.35 -6.94
CA GLY A 607 10.89 9.12 -8.39
C GLY A 607 12.27 9.22 -9.01
N LEU A 608 13.32 9.13 -8.19
CA LEU A 608 14.70 9.22 -8.66
C LEU A 608 15.46 7.93 -8.37
N GLU A 609 15.54 7.56 -7.09
CA GLU A 609 16.36 6.42 -6.66
C GLU A 609 16.01 5.15 -7.42
N ILE A 610 17.02 4.32 -7.65
CA ILE A 610 16.89 3.11 -8.46
C ILE A 610 17.44 1.90 -7.70
N VAL A 611 17.11 1.81 -6.41
CA VAL A 611 17.66 0.76 -5.55
C VAL A 611 16.88 -0.54 -5.74
N ARG A 612 17.12 -1.18 -6.88
CA ARG A 612 16.42 -2.41 -7.28
C ARG A 612 17.42 -3.41 -7.86
N ARG A 613 17.08 -4.71 -7.76
CA ARG A 613 17.99 -5.77 -8.22
C ARG A 613 18.13 -5.87 -9.74
N ASP A 614 17.13 -5.38 -10.48
CA ASP A 614 17.19 -5.35 -11.95
C ASP A 614 18.06 -4.22 -12.50
N TRP A 615 18.57 -3.35 -11.62
CA TRP A 615 19.63 -2.39 -11.97
C TRP A 615 20.95 -2.88 -11.39
N SER A 616 22.03 -2.69 -12.14
CA SER A 616 23.35 -3.15 -11.74
C SER A 616 23.90 -2.34 -10.57
N GLU A 617 24.74 -2.97 -9.75
CA GLU A 617 25.33 -2.32 -8.58
C GLU A 617 26.10 -1.06 -8.93
N ILE A 618 26.81 -1.06 -10.06
CA ILE A 618 27.61 0.10 -10.45
C ILE A 618 26.72 1.31 -10.70
N ALA A 619 25.55 1.10 -11.31
CA ALA A 619 24.57 2.17 -11.48
C ALA A 619 24.01 2.64 -10.14
N LYS A 620 23.72 1.70 -9.23
CA LYS A 620 23.18 2.03 -7.92
C LYS A 620 24.21 2.76 -7.06
N GLU A 621 25.43 2.23 -7.03
CA GLU A 621 26.53 2.79 -6.25
C GLU A 621 26.87 4.21 -6.69
N THR A 622 26.94 4.45 -8.00
CA THR A 622 27.31 5.76 -8.53
C THR A 622 26.24 6.80 -8.24
N GLN A 623 24.97 6.45 -8.43
CA GLN A 623 23.86 7.34 -8.13
C GLN A 623 23.89 7.76 -6.66
N ALA A 624 23.98 6.78 -5.76
CA ALA A 624 24.02 7.03 -4.32
C ALA A 624 25.17 7.96 -3.96
N ARG A 625 26.31 7.76 -4.62
CA ARG A 625 27.48 8.59 -4.41
C ARG A 625 27.26 10.00 -4.95
N VAL A 626 26.44 10.12 -6.00
CA VAL A 626 26.08 11.41 -6.56
C VAL A 626 25.09 12.16 -5.66
N LEU A 627 24.05 11.48 -5.19
CA LEU A 627 23.10 12.08 -4.24
C LEU A 627 23.80 12.54 -2.95
N GLU A 628 24.81 11.80 -2.51
CA GLU A 628 25.61 12.18 -1.35
C GLU A 628 26.39 13.46 -1.58
N ALA A 629 27.07 13.56 -2.72
CA ALA A 629 27.90 14.73 -3.01
C ALA A 629 27.03 15.99 -3.09
N ILE A 630 25.89 15.87 -3.77
CA ILE A 630 24.97 17.00 -3.92
C ILE A 630 24.29 17.36 -2.60
N LEU A 631 23.66 16.40 -1.94
CA LEU A 631 22.80 16.72 -0.79
C LEU A 631 23.55 16.93 0.53
N LYS A 632 24.36 15.95 0.94
CA LYS A 632 25.09 16.05 2.21
C LYS A 632 26.21 17.07 2.17
N HIS A 633 26.99 17.09 1.08
CA HIS A 633 28.18 17.93 0.99
C HIS A 633 28.00 19.22 0.19
N GLY A 634 27.00 19.27 -0.68
CA GLY A 634 26.73 20.46 -1.49
C GLY A 634 27.73 20.71 -2.62
N ASP A 635 28.31 19.63 -3.15
CA ASP A 635 29.28 19.74 -4.24
C ASP A 635 28.77 19.02 -5.49
N VAL A 636 28.13 19.78 -6.37
CA VAL A 636 27.60 19.25 -7.64
C VAL A 636 28.75 18.87 -8.59
N GLU A 637 29.80 19.69 -8.61
CA GLU A 637 30.97 19.43 -9.45
C GLU A 637 31.70 18.15 -9.07
N GLU A 638 31.65 17.78 -7.80
CA GLU A 638 32.21 16.50 -7.36
C GLU A 638 31.33 15.36 -7.84
N ALA A 639 30.00 15.57 -7.82
CA ALA A 639 29.07 14.58 -8.35
C ALA A 639 29.30 14.34 -9.85
N VAL A 640 29.50 15.42 -10.60
CA VAL A 640 29.83 15.32 -12.02
C VAL A 640 31.15 14.58 -12.23
N ARG A 641 32.15 14.88 -11.40
CA ARG A 641 33.44 14.20 -11.47
C ARG A 641 33.29 12.70 -11.21
N ILE A 642 32.52 12.34 -10.19
CA ILE A 642 32.25 10.93 -9.85
C ILE A 642 31.74 10.12 -11.06
N VAL A 643 30.80 10.71 -11.81
CA VAL A 643 30.22 10.04 -12.98
C VAL A 643 31.23 9.96 -14.13
N LYS A 644 32.05 11.00 -14.28
CA LYS A 644 33.08 11.01 -15.32
C LYS A 644 34.06 9.86 -15.12
N GLU A 645 34.62 9.74 -13.91
CA GLU A 645 35.55 8.67 -13.62
C GLU A 645 34.90 7.30 -13.83
N VAL A 646 33.68 7.13 -13.34
CA VAL A 646 32.99 5.85 -13.47
C VAL A 646 32.82 5.42 -14.92
N THR A 647 32.39 6.34 -15.78
CA THR A 647 32.18 6.04 -17.20
C THR A 647 33.52 5.78 -17.90
N GLU A 648 34.55 6.55 -17.53
CA GLU A 648 35.90 6.29 -18.00
C GLU A 648 36.37 4.89 -17.58
N LYS A 649 36.14 4.56 -16.31
CA LYS A 649 36.54 3.27 -15.75
C LYS A 649 35.83 2.08 -16.38
N LEU A 650 34.53 2.23 -16.68
CA LEU A 650 33.76 1.18 -17.36
C LEU A 650 34.33 0.83 -18.72
N SER A 651 34.73 1.85 -19.49
CA SER A 651 35.24 1.65 -20.84
C SER A 651 36.67 1.13 -20.86
N LYS A 652 37.41 1.35 -19.77
CA LYS A 652 38.77 0.82 -19.64
C LYS A 652 38.82 -0.56 -18.97
N TYR A 653 37.64 -1.14 -18.72
CA TYR A 653 37.51 -2.48 -18.17
C TYR A 653 38.20 -2.62 -16.82
N GLU A 654 37.94 -1.65 -15.95
CA GLU A 654 38.47 -1.64 -14.58
C GLU A 654 37.39 -1.93 -13.54
N VAL A 655 36.12 -1.75 -13.90
CA VAL A 655 35.02 -2.06 -13.00
C VAL A 655 34.81 -3.58 -12.92
N PRO A 656 34.74 -4.14 -11.70
CA PRO A 656 34.60 -5.59 -11.58
C PRO A 656 33.25 -6.09 -12.11
N PRO A 657 33.26 -7.20 -12.88
CA PRO A 657 32.01 -7.73 -13.43
C PRO A 657 30.93 -8.03 -12.39
N GLU A 658 31.32 -8.22 -11.13
CA GLU A 658 30.36 -8.44 -10.04
C GLU A 658 29.39 -7.27 -9.90
N LYS A 659 29.86 -6.05 -10.17
CA LYS A 659 29.04 -4.85 -10.08
C LYS A 659 28.15 -4.61 -11.32
N LEU A 660 28.28 -5.46 -12.32
CA LEU A 660 27.56 -5.31 -13.59
C LEU A 660 26.40 -6.29 -13.75
N VAL A 661 26.24 -7.21 -12.80
CA VAL A 661 25.24 -8.29 -12.94
C VAL A 661 23.83 -7.75 -12.72
N ILE A 662 22.90 -8.18 -13.58
CA ILE A 662 21.49 -7.82 -13.47
C ILE A 662 20.70 -9.05 -13.00
N TYR A 663 20.00 -8.90 -11.88
CA TYR A 663 19.14 -9.95 -11.36
C TYR A 663 17.71 -9.70 -11.78
N GLU A 664 17.06 -10.73 -12.32
CA GLU A 664 15.67 -10.61 -12.74
C GLU A 664 14.99 -11.97 -12.58
N GLN A 665 13.77 -11.95 -12.05
CA GLN A 665 13.05 -13.18 -11.74
C GLN A 665 12.11 -13.54 -12.88
N ILE A 666 12.07 -14.83 -13.22
CA ILE A 666 11.03 -15.33 -14.11
C ILE A 666 9.86 -15.74 -13.22
N THR A 667 8.64 -15.42 -13.66
CA THR A 667 7.46 -15.47 -12.80
C THR A 667 6.41 -16.51 -13.20
N ARG A 668 6.65 -17.23 -14.29
CA ARG A 668 5.80 -18.37 -14.67
C ARG A 668 6.48 -19.22 -15.76
N ASP A 669 5.82 -20.29 -16.19
CA ASP A 669 6.36 -21.21 -17.21
C ASP A 669 6.82 -20.45 -18.45
N LEU A 670 7.98 -20.84 -18.97
CA LEU A 670 8.60 -20.13 -20.09
C LEU A 670 7.71 -20.08 -21.32
N LYS A 671 6.88 -21.10 -21.51
CA LYS A 671 5.93 -21.15 -22.63
C LYS A 671 4.88 -20.02 -22.61
N ASP A 672 4.59 -19.49 -21.42
CA ASP A 672 3.56 -18.45 -21.25
C ASP A 672 3.98 -17.08 -21.82
N TYR A 673 5.28 -16.78 -21.79
CA TYR A 673 5.77 -15.45 -22.15
C TYR A 673 5.41 -15.05 -23.57
N LYS A 674 4.67 -13.94 -23.69
CA LYS A 674 4.27 -13.39 -24.99
C LYS A 674 5.34 -12.49 -25.60
N ALA A 675 6.31 -12.05 -24.78
CA ALA A 675 7.41 -11.19 -25.24
C ALA A 675 8.70 -11.49 -24.46
N THR A 676 9.80 -11.58 -25.19
CA THR A 676 11.06 -12.06 -24.62
C THR A 676 12.03 -10.92 -24.30
N GLY A 677 12.22 -10.66 -23.01
CA GLY A 677 13.26 -9.73 -22.55
C GLY A 677 14.56 -10.49 -22.34
N PRO A 678 15.66 -9.77 -22.08
CA PRO A 678 16.97 -10.40 -21.93
C PRO A 678 16.96 -11.61 -20.99
N HIS A 679 16.42 -11.43 -19.79
CA HIS A 679 16.44 -12.48 -18.77
C HIS A 679 15.60 -13.71 -19.15
N VAL A 680 14.61 -13.52 -20.02
CA VAL A 680 13.80 -14.61 -20.53
C VAL A 680 14.53 -15.30 -21.68
N ALA A 681 15.40 -14.56 -22.38
CA ALA A 681 16.24 -15.15 -23.42
C ALA A 681 17.36 -15.99 -22.79
N VAL A 682 17.94 -15.49 -21.70
CA VAL A 682 18.96 -16.23 -20.97
C VAL A 682 18.38 -17.52 -20.37
N ALA A 683 17.15 -17.45 -19.85
CA ALA A 683 16.49 -18.60 -19.22
C ALA A 683 16.08 -19.66 -20.23
N LYS A 684 15.55 -19.24 -21.38
CA LYS A 684 15.13 -20.16 -22.42
C LYS A 684 16.29 -20.99 -22.98
N ARG A 685 17.49 -20.41 -23.03
CA ARG A 685 18.68 -21.14 -23.46
C ARG A 685 19.10 -22.16 -22.42
N LEU A 686 18.95 -21.80 -21.14
CA LEU A 686 19.20 -22.74 -20.06
C LEU A 686 18.21 -23.92 -20.12
N ALA A 687 16.94 -23.63 -20.39
CA ALA A 687 15.90 -24.67 -20.46
C ALA A 687 16.09 -25.59 -21.66
N ALA A 688 16.61 -25.04 -22.76
CA ALA A 688 16.92 -25.82 -23.95
C ALA A 688 18.02 -26.86 -23.68
N ARG A 689 18.84 -26.59 -22.65
CA ARG A 689 19.90 -27.50 -22.23
C ARG A 689 19.53 -28.30 -20.99
N GLY A 690 18.23 -28.43 -20.72
CA GLY A 690 17.74 -29.23 -19.60
C GLY A 690 17.77 -28.59 -18.21
N ILE A 691 18.45 -27.46 -18.08
CA ILE A 691 18.70 -26.84 -16.77
C ILE A 691 17.41 -26.31 -16.12
N LYS A 692 17.28 -26.51 -14.81
CA LYS A 692 16.07 -26.16 -14.05
C LYS A 692 15.71 -24.68 -14.14
N ILE A 693 14.56 -24.40 -14.75
CA ILE A 693 13.97 -23.07 -14.76
C ILE A 693 12.51 -23.17 -14.31
N ARG A 694 12.25 -22.87 -13.05
CA ARG A 694 10.90 -22.84 -12.51
C ARG A 694 10.49 -21.40 -12.21
N PRO A 695 9.18 -21.15 -12.04
CA PRO A 695 8.76 -19.83 -11.55
C PRO A 695 9.39 -19.55 -10.20
N GLY A 696 9.96 -18.35 -10.02
CA GLY A 696 10.72 -18.02 -8.82
C GLY A 696 12.23 -18.03 -9.03
N THR A 697 12.68 -18.67 -10.11
CA THR A 697 14.10 -18.73 -10.43
C THR A 697 14.62 -17.34 -10.79
N VAL A 698 15.86 -17.05 -10.38
CA VAL A 698 16.42 -15.71 -10.56
C VAL A 698 17.62 -15.76 -11.49
N ILE A 699 17.46 -15.15 -12.66
CA ILE A 699 18.50 -15.11 -13.67
C ILE A 699 19.44 -13.95 -13.37
N SER A 700 20.72 -14.25 -13.19
CA SER A 700 21.76 -13.24 -12.98
C SER A 700 22.66 -13.17 -14.21
N TYR A 701 22.40 -12.20 -15.09
CA TYR A 701 23.12 -12.11 -16.36
C TYR A 701 23.99 -10.85 -16.47
N ILE A 702 24.94 -10.92 -17.38
CA ILE A 702 25.85 -9.80 -17.68
C ILE A 702 25.81 -9.61 -19.20
N VAL A 703 26.03 -8.38 -19.66
CA VAL A 703 25.91 -8.06 -21.09
C VAL A 703 27.29 -7.94 -21.76
N LEU A 704 27.61 -8.89 -22.63
CA LEU A 704 28.87 -8.88 -23.37
C LEU A 704 28.77 -7.86 -24.50
N LYS A 705 29.91 -7.42 -25.02
CA LYS A 705 29.90 -6.40 -26.06
C LYS A 705 29.59 -6.99 -27.43
N GLY A 706 29.31 -6.10 -28.39
CA GLY A 706 29.13 -6.49 -29.79
C GLY A 706 27.76 -6.19 -30.34
N SER A 707 27.42 -6.87 -31.43
CA SER A 707 26.13 -6.70 -32.10
C SER A 707 25.12 -7.66 -31.51
N GLY A 708 23.86 -7.48 -31.91
CA GLY A 708 22.76 -8.31 -31.42
C GLY A 708 21.89 -7.56 -30.42
N ARG A 709 20.70 -8.08 -30.19
CA ARG A 709 19.83 -7.56 -29.16
C ARG A 709 20.49 -7.87 -27.82
N ILE A 710 20.24 -7.02 -26.82
CA ILE A 710 20.79 -7.22 -25.47
C ILE A 710 20.66 -8.70 -25.05
N GLY A 711 19.48 -9.27 -25.26
CA GLY A 711 19.23 -10.68 -24.99
C GLY A 711 20.16 -11.64 -25.71
N ASP A 712 20.50 -11.33 -26.96
CA ASP A 712 21.41 -12.16 -27.74
C ASP A 712 22.85 -12.12 -27.20
N ARG A 713 23.20 -10.99 -26.59
CA ARG A 713 24.56 -10.76 -26.07
C ARG A 713 24.70 -11.14 -24.60
N ALA A 714 23.58 -11.27 -23.90
CA ALA A 714 23.61 -11.52 -22.47
C ALA A 714 23.96 -12.97 -22.20
N ILE A 715 24.85 -13.20 -21.24
CA ILE A 715 25.16 -14.55 -20.76
C ILE A 715 24.95 -14.60 -19.26
N PRO A 716 24.82 -15.81 -18.70
CA PRO A 716 24.74 -15.94 -17.25
C PRO A 716 26.08 -15.61 -16.60
N PHE A 717 26.06 -15.01 -15.41
CA PHE A 717 27.29 -14.64 -14.74
C PHE A 717 28.06 -15.86 -14.23
N ASP A 718 27.36 -16.98 -14.05
CA ASP A 718 28.00 -18.24 -13.68
C ASP A 718 28.89 -18.71 -14.82
N GLU A 719 28.43 -18.47 -16.05
CA GLU A 719 29.16 -18.85 -17.26
C GLU A 719 30.16 -17.79 -17.72
N PHE A 720 30.33 -16.72 -16.93
CA PHE A 720 31.22 -15.61 -17.29
C PHE A 720 32.67 -15.92 -16.93
N ASP A 721 33.58 -15.52 -17.82
CA ASP A 721 35.02 -15.65 -17.61
C ASP A 721 35.67 -14.29 -17.88
N PRO A 722 36.23 -13.64 -16.85
CA PRO A 722 36.89 -12.33 -17.02
C PRO A 722 37.95 -12.29 -18.11
N ALA A 723 38.74 -13.37 -18.23
CA ALA A 723 39.82 -13.43 -19.22
C ALA A 723 39.29 -13.52 -20.65
N LYS A 724 38.33 -14.42 -20.87
CA LYS A 724 37.78 -14.66 -22.21
C LYS A 724 36.82 -13.55 -22.65
N HIS A 725 35.70 -13.43 -21.94
CA HIS A 725 34.61 -12.53 -22.34
C HIS A 725 34.89 -11.07 -22.00
N LYS A 726 34.38 -10.17 -22.84
CA LYS A 726 34.49 -8.73 -22.62
C LYS A 726 33.09 -8.11 -22.51
N TYR A 727 32.78 -7.55 -21.36
CA TYR A 727 31.44 -6.97 -21.13
C TYR A 727 31.21 -5.73 -21.99
N ASP A 728 29.96 -5.28 -22.04
CA ASP A 728 29.56 -4.18 -22.91
C ASP A 728 29.68 -2.83 -22.20
N ALA A 729 30.84 -2.19 -22.32
CA ALA A 729 31.07 -0.88 -21.71
C ALA A 729 30.03 0.17 -22.14
N GLU A 730 29.78 0.24 -23.44
CA GLU A 730 28.79 1.17 -23.99
C GLU A 730 27.42 0.97 -23.33
N TYR A 731 26.99 -0.28 -23.17
CA TYR A 731 25.68 -0.56 -22.55
C TYR A 731 25.64 -0.10 -21.09
N TYR A 732 26.65 -0.46 -20.29
CA TYR A 732 26.65 -0.09 -18.88
C TYR A 732 26.78 1.44 -18.67
N ILE A 733 27.50 2.12 -19.57
CA ILE A 733 27.49 3.58 -19.56
C ILE A 733 26.12 4.12 -19.98
N GLU A 734 25.69 3.78 -21.19
CA GLU A 734 24.52 4.44 -21.81
C GLU A 734 23.16 3.95 -21.31
N ASN A 735 23.07 2.67 -20.96
CA ASN A 735 21.79 2.09 -20.52
C ASN A 735 21.63 1.90 -18.99
N GLN A 736 22.71 2.04 -18.23
CA GLN A 736 22.68 1.81 -16.78
C GLN A 736 23.12 3.03 -15.96
N VAL A 737 24.39 3.41 -16.07
CA VAL A 737 24.97 4.50 -15.28
C VAL A 737 24.35 5.86 -15.60
N LEU A 738 24.52 6.32 -16.83
CA LEU A 738 24.06 7.66 -17.23
C LEU A 738 22.55 7.87 -17.02
N PRO A 739 21.71 6.90 -17.40
CA PRO A 739 20.29 7.05 -17.13
C PRO A 739 19.93 7.28 -15.65
N ALA A 740 20.77 6.77 -14.75
CA ALA A 740 20.52 6.91 -13.31
C ALA A 740 20.99 8.27 -12.74
N VAL A 741 21.87 8.94 -13.46
CA VAL A 741 22.41 10.23 -12.99
C VAL A 741 22.00 11.40 -13.89
N GLU A 742 21.87 11.16 -15.20
CA GLU A 742 21.54 12.20 -16.16
C GLU A 742 20.42 13.11 -15.70
N ARG A 743 19.33 12.51 -15.21
CA ARG A 743 18.12 13.25 -14.85
C ARG A 743 18.36 14.17 -13.65
N ILE A 744 18.94 13.60 -12.59
CA ILE A 744 19.34 14.37 -11.41
C ILE A 744 20.22 15.56 -11.81
N LEU A 745 21.26 15.27 -12.58
CA LEU A 745 22.23 16.31 -12.96
C LEU A 745 21.69 17.27 -14.01
N ARG A 746 20.63 16.90 -14.71
CA ARG A 746 20.00 17.80 -15.67
C ARG A 746 19.42 19.01 -14.97
N ALA A 747 18.91 18.82 -13.75
CA ALA A 747 18.42 19.90 -12.91
C ALA A 747 19.53 20.85 -12.43
N PHE A 748 20.77 20.61 -12.82
CA PHE A 748 21.88 21.52 -12.55
C PHE A 748 22.58 21.96 -13.84
N GLY A 749 21.88 21.82 -14.96
CA GLY A 749 22.40 22.28 -16.26
C GLY A 749 23.50 21.42 -16.86
N TYR A 750 23.64 20.19 -16.37
CA TYR A 750 24.61 19.24 -16.93
C TYR A 750 23.90 18.25 -17.84
N ARG A 751 24.43 18.10 -19.05
CA ARG A 751 23.91 17.17 -20.04
C ARG A 751 24.75 15.91 -20.11
N LYS A 752 24.21 14.84 -20.70
CA LYS A 752 24.94 13.59 -20.90
C LYS A 752 26.35 13.85 -21.45
N GLU A 753 26.44 14.73 -22.46
CA GLU A 753 27.72 15.07 -23.09
C GLU A 753 28.77 15.59 -22.09
N ASP A 754 28.32 16.15 -20.97
CA ASP A 754 29.24 16.61 -19.93
C ASP A 754 29.75 15.45 -19.07
N LEU A 755 29.03 14.33 -19.09
CA LEU A 755 29.28 13.20 -18.17
C LEU A 755 30.14 12.07 -18.75
N ARG A 756 30.25 12.02 -20.08
CA ARG A 756 30.99 10.96 -20.77
C ARG A 756 32.47 11.30 -20.90
N TYR A 757 33.28 10.29 -21.22
CA TYR A 757 34.74 10.40 -21.22
C TYR A 757 35.33 10.35 -22.62
NA NA D . -29.15 -10.22 -21.51
#